data_3U17
#
_entry.id   3U17
#
_cell.length_a   65.368
_cell.length_b   144.232
_cell.length_c   148.735
_cell.angle_alpha   90.00
_cell.angle_beta   90.00
_cell.angle_gamma   90.00
#
_symmetry.space_group_name_H-M   'P 21 21 21'
#
loop_
_entity.id
_entity.type
_entity.pdbx_description
1 polymer 'Peptide arylation enzyme'
2 non-polymer '6-(4-benzoylphenyl)-1-(pyridin-4-ylmethyl)-1H-pyrazolo[3,4-b]pyridine-4-carboxylic acid'
3 non-polymer 'CALCIUM ION'
4 non-polymer (4S)-2-METHYL-2,4-PENTANEDIOL
5 non-polymer (4R)-2-METHYLPENTANE-2,4-DIOL
6 water water
#
_entity_poly.entity_id   1
_entity_poly.type   'polypeptide(L)'
_entity_poly.pdbx_seq_one_letter_code
;GHMKKQLIEFVRWSPERAQHYRNKGYWIDQPLTRILTVGVQSHPHSLAIICGERQLSYIELDRLSTNLATRLAEKGLGKG
DTALVQLPNVAEFYIVFFALLKAGVVVLNALYSHRQYELNAFIKQIQPKLLIGSRQHEVFSNNQFIDSLHDVNLSPEIIL
MLNHQATDFGLLDWIETPAETFVDFSSTPADEVAFFQLSGGSTGTPKLIPRTHNDYDYSVRASAEICGLNSNTRLLCALP
APHNFMLSSPGALGVLHAGGCVVMAPNPEPLNCFSIIQRHQVNMASLVPSAVIMWLEKAAQYKDQIQSLKLLQVGGASFP
ESLARQVPEVLNCKLQQVFGMAEGLVNYTRLDDSDEQIFTTQGRPISSDDEIKIVDEQYREVPEGEIGMLATRGPYTFCG
YYQSPEHNSQVFDEDNYYYSGDLVQRTPDGNLRVVGRIKDQINRGGEKIASEEIEKLILLHPEVMHAALVAIVDEQFGEK
SCAFIVSRNPELKAVVLRRHLMELGIAQYKLPDQIKLIESLPLTAVGKVDKKQLRSILNTSTTS
;
_entity_poly.pdbx_strand_id   A,B
#
# COMPACT_ATOMS: atom_id res chain seq x y z
N LYS A 5 -16.30 -21.82 27.13
CA LYS A 5 -15.52 -22.23 28.29
C LYS A 5 -14.06 -22.50 27.91
N GLN A 6 -13.85 -22.96 26.68
CA GLN A 6 -12.50 -23.21 26.19
C GLN A 6 -11.72 -21.92 25.96
N LEU A 7 -10.41 -21.97 26.17
CA LEU A 7 -9.52 -20.88 25.80
C LEU A 7 -9.32 -20.96 24.29
N ILE A 8 -9.03 -19.82 23.66
CA ILE A 8 -8.80 -19.79 22.23
C ILE A 8 -7.76 -20.85 21.84
N GLU A 9 -8.00 -21.53 20.72
CA GLU A 9 -7.07 -22.52 20.21
C GLU A 9 -5.92 -21.84 19.50
N PHE A 10 -4.75 -22.47 19.52
CA PHE A 10 -3.59 -21.95 18.83
C PHE A 10 -2.57 -23.07 18.76
N VAL A 11 -1.52 -22.91 17.96
CA VAL A 11 -0.52 -23.98 17.87
C VAL A 11 0.59 -23.76 18.90
N ARG A 12 0.83 -24.76 19.75
CA ARG A 12 1.79 -24.64 20.84
C ARG A 12 3.21 -24.96 20.38
N TRP A 13 4.17 -24.37 21.07
CA TRP A 13 5.55 -24.80 20.99
C TRP A 13 5.61 -26.23 21.56
N SER A 14 6.59 -27.01 21.12
CA SER A 14 6.80 -28.32 21.70
C SER A 14 7.16 -28.10 23.17
N PRO A 15 6.77 -29.05 24.07
CA PRO A 15 7.06 -28.92 25.50
C PRO A 15 8.56 -28.71 25.74
N GLU A 16 9.37 -29.33 24.90
CA GLU A 16 10.82 -29.22 25.00
C GLU A 16 11.33 -27.79 24.77
N ARG A 17 10.80 -27.12 23.76
CA ARG A 17 11.20 -25.74 23.50
C ARG A 17 10.67 -24.83 24.60
N ALA A 18 9.42 -25.06 25.00
CA ALA A 18 8.81 -24.27 26.08
C ALA A 18 9.65 -24.35 27.36
N GLN A 19 10.05 -25.56 27.74
CA GLN A 19 10.93 -25.69 28.90
C GLN A 19 12.24 -24.92 28.71
N HIS A 20 12.86 -25.06 27.53
CA HIS A 20 14.12 -24.38 27.26
C HIS A 20 13.94 -22.87 27.44
N TYR A 21 12.85 -22.33 26.90
CA TYR A 21 12.62 -20.89 26.97
C TYR A 21 12.33 -20.42 28.40
N ARG A 22 11.76 -21.30 29.24
CA ARG A 22 11.61 -20.96 30.65
C ARG A 22 12.97 -21.02 31.32
N ASN A 23 13.73 -22.07 31.02
CA ASN A 23 15.06 -22.27 31.58
C ASN A 23 16.00 -21.09 31.30
N LYS A 24 15.89 -20.50 30.10
CA LYS A 24 16.74 -19.37 29.74
C LYS A 24 16.24 -18.07 30.35
N GLY A 25 15.04 -18.08 30.92
CA GLY A 25 14.49 -16.86 31.47
C GLY A 25 13.76 -16.00 30.46
N TYR A 26 13.53 -16.51 29.25
CA TYR A 26 12.76 -15.76 28.26
C TYR A 26 11.29 -15.70 28.67
N TRP A 27 10.71 -16.87 28.93
CA TRP A 27 9.33 -16.95 29.38
C TRP A 27 9.29 -16.92 30.91
N ILE A 28 8.68 -15.89 31.49
CA ILE A 28 8.61 -15.79 32.94
C ILE A 28 7.20 -16.02 33.45
N ASP A 29 6.32 -16.44 32.54
CA ASP A 29 4.95 -16.80 32.90
C ASP A 29 4.19 -15.72 33.66
N GLN A 30 4.31 -14.48 33.18
CA GLN A 30 3.50 -13.37 33.70
C GLN A 30 2.59 -12.83 32.59
N PRO A 31 1.43 -12.29 32.96
CA PRO A 31 0.58 -11.67 31.93
C PRO A 31 1.22 -10.38 31.41
N LEU A 32 0.81 -9.93 30.22
CA LEU A 32 1.29 -8.66 29.67
C LEU A 32 0.99 -7.47 30.57
N THR A 33 -0.05 -7.60 31.41
CA THR A 33 -0.39 -6.53 32.35
C THR A 33 0.75 -6.29 33.34
N ARG A 34 1.67 -7.25 33.42
CA ARG A 34 2.89 -7.08 34.23
C ARG A 34 3.48 -5.68 34.05
N ILE A 35 3.49 -5.22 32.80
CA ILE A 35 4.12 -3.95 32.46
C ILE A 35 3.50 -2.81 33.27
N LEU A 36 2.18 -2.80 33.35
CA LEU A 36 1.45 -1.78 34.12
C LEU A 36 1.63 -2.00 35.61
N THR A 37 1.35 -3.23 36.04
CA THR A 37 1.40 -3.58 37.45
C THR A 37 2.71 -3.09 38.05
N VAL A 38 3.82 -3.47 37.41
CA VAL A 38 5.14 -3.14 37.92
C VAL A 38 5.38 -1.63 37.87
N GLY A 39 4.95 -0.99 36.79
CA GLY A 39 5.12 0.45 36.66
C GLY A 39 4.41 1.22 37.76
N VAL A 40 3.17 0.81 38.05
CA VAL A 40 2.40 1.41 39.12
C VAL A 40 3.11 1.25 40.46
N GLN A 41 3.66 0.07 40.73
CA GLN A 41 4.45 -0.14 41.95
C GLN A 41 5.68 0.76 42.07
N SER A 42 6.36 1.03 40.95
CA SER A 42 7.64 1.76 40.97
C SER A 42 7.52 3.28 40.84
N HIS A 43 6.68 3.72 39.91
CA HIS A 43 6.61 5.13 39.55
C HIS A 43 5.19 5.45 39.08
N PRO A 44 4.22 5.35 40.02
CA PRO A 44 2.78 5.48 39.75
C PRO A 44 2.46 6.79 39.03
N HIS A 45 3.19 7.84 39.39
CA HIS A 45 2.86 9.17 38.90
C HIS A 45 3.73 9.64 37.75
N SER A 46 4.68 8.84 37.32
CA SER A 46 5.42 9.25 36.14
C SER A 46 4.51 9.06 34.91
N LEU A 47 4.75 9.86 33.89
CA LEU A 47 3.91 9.86 32.70
C LEU A 47 4.08 8.61 31.85
N ALA A 48 2.96 8.03 31.45
CA ALA A 48 2.98 6.83 30.63
C ALA A 48 2.56 7.17 29.21
N ILE A 49 1.57 8.04 29.07
CA ILE A 49 1.09 8.43 27.76
C ILE A 49 0.85 9.92 27.67
N ILE A 50 1.39 10.53 26.62
CA ILE A 50 1.06 11.90 26.26
C ILE A 50 0.28 11.85 24.96
N CYS A 51 -0.91 12.44 24.99
CA CYS A 51 -1.80 12.48 23.82
C CYS A 51 -2.43 13.86 23.72
N GLY A 52 -2.07 14.61 22.68
CA GLY A 52 -2.50 15.99 22.53
C GLY A 52 -2.20 16.76 23.82
N GLU A 53 -3.24 17.25 24.47
CA GLU A 53 -3.11 17.99 25.74
C GLU A 53 -3.11 17.06 26.97
N ARG A 54 -3.54 15.82 26.77
CA ARG A 54 -3.67 14.87 27.89
C ARG A 54 -2.33 14.30 28.33
N GLN A 55 -2.25 13.99 29.62
CA GLN A 55 -1.10 13.31 30.19
C GLN A 55 -1.62 12.21 31.10
N LEU A 56 -1.36 10.94 30.78
CA LEU A 56 -1.75 9.82 31.63
C LEU A 56 -0.57 9.24 32.38
N SER A 57 -0.63 9.28 33.71
CA SER A 57 0.39 8.63 34.52
C SER A 57 0.21 7.12 34.44
N TYR A 58 1.16 6.38 34.98
CA TYR A 58 1.03 4.92 35.06
C TYR A 58 -0.19 4.50 35.90
N ILE A 59 -0.38 5.12 37.05
CA ILE A 59 -1.49 4.73 37.91
C ILE A 59 -2.84 5.07 37.25
N GLU A 60 -2.88 6.17 36.50
CA GLU A 60 -4.09 6.50 35.76
C GLU A 60 -4.40 5.49 34.68
N LEU A 61 -3.42 5.20 33.83
CA LEU A 61 -3.57 4.12 32.85
C LEU A 61 -4.05 2.85 33.53
N ASP A 62 -3.48 2.55 34.68
CA ASP A 62 -3.85 1.34 35.40
C ASP A 62 -5.32 1.37 35.87
N ARG A 63 -5.71 2.46 36.54
CA ARG A 63 -7.09 2.64 37.02
C ARG A 63 -8.11 2.60 35.90
N LEU A 64 -7.84 3.34 34.83
CA LEU A 64 -8.78 3.48 33.74
C LEU A 64 -9.01 2.16 33.04
N SER A 65 -7.96 1.37 32.88
CA SER A 65 -8.10 0.09 32.21
C SER A 65 -8.73 -0.95 33.16
N THR A 66 -8.48 -0.80 34.45
CA THR A 66 -9.22 -1.63 35.42
C THR A 66 -10.71 -1.33 35.37
N ASN A 67 -11.06 -0.04 35.32
CA ASN A 67 -12.47 0.38 35.24
C ASN A 67 -13.17 -0.32 34.10
N LEU A 68 -12.58 -0.23 32.92
CA LEU A 68 -13.24 -0.78 31.73
C LEU A 68 -13.32 -2.30 31.85
N ALA A 69 -12.29 -2.90 32.45
CA ALA A 69 -12.26 -4.34 32.64
C ALA A 69 -13.41 -4.80 33.55
N THR A 70 -13.60 -4.13 34.68
CA THR A 70 -14.72 -4.46 35.55
C THR A 70 -16.06 -4.33 34.84
N ARG A 71 -16.23 -3.31 34.01
CA ARG A 71 -17.49 -3.13 33.31
C ARG A 71 -17.74 -4.26 32.32
N LEU A 72 -16.67 -4.78 31.72
CA LEU A 72 -16.83 -5.83 30.72
C LEU A 72 -17.11 -7.17 31.41
N ALA A 73 -16.43 -7.40 32.54
CA ALA A 73 -16.65 -8.61 33.30
C ALA A 73 -18.08 -8.62 33.83
N GLU A 74 -18.53 -7.47 34.33
CA GLU A 74 -19.90 -7.33 34.83
C GLU A 74 -20.90 -7.72 33.76
N LYS A 75 -20.57 -7.45 32.50
CA LYS A 75 -21.43 -7.85 31.38
C LYS A 75 -21.21 -9.30 30.94
N GLY A 76 -20.34 -10.02 31.65
CA GLY A 76 -20.11 -11.42 31.35
C GLY A 76 -19.11 -11.71 30.25
N LEU A 77 -18.29 -10.72 29.91
CA LEU A 77 -17.25 -10.94 28.90
C LEU A 77 -15.97 -11.37 29.61
N GLY A 78 -15.33 -12.42 29.12
CA GLY A 78 -14.14 -12.92 29.78
C GLY A 78 -13.46 -14.05 29.03
N LYS A 79 -12.87 -14.98 29.79
CA LYS A 79 -12.07 -16.06 29.21
C LYS A 79 -12.86 -16.92 28.25
N GLY A 80 -12.25 -17.16 27.08
CA GLY A 80 -12.90 -17.85 25.99
C GLY A 80 -13.57 -16.90 25.03
N ASP A 81 -13.81 -15.67 25.47
CA ASP A 81 -14.40 -14.65 24.59
C ASP A 81 -13.33 -13.91 23.78
N THR A 82 -13.73 -13.33 22.65
CA THR A 82 -12.84 -12.50 21.84
C THR A 82 -13.44 -11.13 21.63
N ALA A 83 -12.60 -10.22 21.12
CA ALA A 83 -13.02 -8.85 20.86
C ALA A 83 -12.32 -8.29 19.61
N LEU A 84 -13.00 -7.37 18.95
CA LEU A 84 -12.43 -6.66 17.80
C LEU A 84 -12.38 -5.18 18.14
N VAL A 85 -11.18 -4.60 18.11
CA VAL A 85 -11.01 -3.20 18.45
C VAL A 85 -10.43 -2.45 17.25
N GLN A 86 -11.02 -1.31 16.93
CA GLN A 86 -10.47 -0.46 15.87
C GLN A 86 -10.47 1.00 16.31
N LEU A 87 -9.32 1.47 16.78
CA LEU A 87 -9.19 2.84 17.27
C LEU A 87 -8.00 3.53 16.63
N PRO A 88 -8.06 4.87 16.52
CA PRO A 88 -6.96 5.68 15.97
C PRO A 88 -5.82 5.81 16.98
N ASN A 89 -4.77 6.56 16.65
CA ASN A 89 -3.66 6.75 17.58
C ASN A 89 -3.97 7.67 18.76
N VAL A 90 -4.76 7.17 19.71
CA VAL A 90 -5.13 7.95 20.88
C VAL A 90 -4.91 7.13 22.15
N ALA A 91 -4.85 7.79 23.30
CA ALA A 91 -4.58 7.09 24.56
C ALA A 91 -5.57 5.96 24.82
N GLU A 92 -6.81 6.12 24.36
CA GLU A 92 -7.83 5.08 24.54
C GLU A 92 -7.41 3.74 23.92
N PHE A 93 -6.55 3.76 22.92
CA PHE A 93 -6.11 2.50 22.34
C PHE A 93 -5.45 1.63 23.42
N TYR A 94 -4.60 2.25 24.25
CA TYR A 94 -3.85 1.49 25.24
C TYR A 94 -4.69 1.15 26.45
N ILE A 95 -5.64 2.03 26.76
CA ILE A 95 -6.53 1.77 27.88
C ILE A 95 -7.37 0.54 27.58
N VAL A 96 -7.91 0.49 26.38
CA VAL A 96 -8.70 -0.66 25.94
C VAL A 96 -7.85 -1.94 25.89
N PHE A 97 -6.63 -1.84 25.37
CA PHE A 97 -5.75 -2.99 25.24
C PHE A 97 -5.44 -3.61 26.61
N PHE A 98 -5.01 -2.77 27.54
CA PHE A 98 -4.76 -3.25 28.90
C PHE A 98 -6.03 -3.73 29.60
N ALA A 99 -7.17 -3.10 29.28
CA ALA A 99 -8.45 -3.56 29.82
C ALA A 99 -8.78 -4.98 29.36
N LEU A 100 -8.67 -5.24 28.07
CA LEU A 100 -8.98 -6.57 27.55
C LEU A 100 -7.97 -7.62 28.04
N LEU A 101 -6.70 -7.24 28.17
CA LEU A 101 -5.70 -8.13 28.77
C LEU A 101 -6.06 -8.47 30.23
N LYS A 102 -6.53 -7.46 30.97
CA LYS A 102 -6.89 -7.65 32.38
C LYS A 102 -8.10 -8.56 32.51
N ALA A 103 -9.05 -8.42 31.58
CA ALA A 103 -10.31 -9.16 31.61
C ALA A 103 -10.20 -10.58 31.05
N GLY A 104 -9.10 -10.90 30.38
CA GLY A 104 -8.94 -12.22 29.81
C GLY A 104 -9.71 -12.38 28.51
N VAL A 105 -10.02 -11.24 27.89
CA VAL A 105 -10.63 -11.23 26.57
C VAL A 105 -9.55 -11.14 25.49
N VAL A 106 -9.53 -12.13 24.59
CA VAL A 106 -8.54 -12.17 23.52
C VAL A 106 -8.91 -11.15 22.43
N VAL A 107 -8.08 -10.13 22.24
CA VAL A 107 -8.43 -9.05 21.32
C VAL A 107 -7.68 -9.10 19.99
N LEU A 108 -8.41 -8.81 18.92
CA LEU A 108 -7.79 -8.50 17.65
C LEU A 108 -7.89 -6.98 17.46
N ASN A 109 -6.75 -6.31 17.30
CA ASN A 109 -6.74 -4.89 17.03
C ASN A 109 -6.66 -4.69 15.54
N ALA A 110 -7.74 -4.23 14.93
CA ALA A 110 -7.71 -3.90 13.51
C ALA A 110 -6.99 -2.56 13.35
N LEU A 111 -6.36 -2.39 12.20
CA LEU A 111 -5.84 -1.09 11.84
C LEU A 111 -7.02 -0.15 11.58
N TYR A 112 -6.90 1.08 12.06
CA TYR A 112 -7.90 2.10 11.81
C TYR A 112 -8.12 2.35 10.31
N SER A 113 -7.10 2.05 9.50
CA SER A 113 -7.21 2.15 8.05
C SER A 113 -7.90 0.94 7.41
N HIS A 114 -8.23 -0.06 8.23
CA HIS A 114 -8.97 -1.21 7.71
C HIS A 114 -10.41 -0.82 7.44
N ARG A 115 -11.04 -1.53 6.51
CA ARG A 115 -12.42 -1.22 6.13
C ARG A 115 -13.40 -2.36 6.45
N GLN A 116 -14.66 -2.16 6.12
CA GLN A 116 -15.71 -3.12 6.46
C GLN A 116 -15.39 -4.50 5.88
N TYR A 117 -14.63 -4.52 4.80
CA TYR A 117 -14.30 -5.79 4.17
C TYR A 117 -13.38 -6.64 5.05
N GLU A 118 -12.35 -6.00 5.60
CA GLU A 118 -11.43 -6.68 6.50
C GLU A 118 -12.08 -6.98 7.84
N LEU A 119 -12.78 -5.98 8.38
CA LEU A 119 -13.49 -6.12 9.64
C LEU A 119 -14.46 -7.31 9.57
N ASN A 120 -15.09 -7.49 8.41
CA ASN A 120 -16.05 -8.56 8.21
C ASN A 120 -15.36 -9.91 8.31
N ALA A 121 -14.21 -10.00 7.65
CA ALA A 121 -13.42 -11.23 7.66
C ALA A 121 -12.93 -11.55 9.08
N PHE A 122 -12.52 -10.51 9.81
CA PHE A 122 -12.06 -10.68 11.18
C PHE A 122 -13.21 -11.17 12.07
N ILE A 123 -14.39 -10.56 11.91
CA ILE A 123 -15.55 -10.94 12.72
C ILE A 123 -15.98 -12.38 12.48
N LYS A 124 -15.95 -12.82 11.23
CA LYS A 124 -16.28 -14.21 10.91
C LYS A 124 -15.29 -15.19 11.52
N GLN A 125 -14.02 -14.77 11.63
CA GLN A 125 -13.00 -15.68 12.14
C GLN A 125 -12.96 -15.84 13.65
N ILE A 126 -13.32 -14.80 14.40
CA ILE A 126 -13.17 -14.84 15.86
C ILE A 126 -14.50 -14.63 16.61
N GLN A 127 -15.57 -14.37 15.86
CA GLN A 127 -16.91 -14.12 16.41
C GLN A 127 -16.87 -13.35 17.73
N PRO A 128 -16.43 -12.09 17.67
CA PRO A 128 -16.30 -11.34 18.93
C PRO A 128 -17.64 -11.09 19.59
N LYS A 129 -17.65 -11.06 20.92
CA LYS A 129 -18.81 -10.64 21.67
C LYS A 129 -18.68 -9.17 22.03
N LEU A 130 -17.52 -8.60 21.73
CA LEU A 130 -17.27 -7.19 21.97
C LEU A 130 -16.68 -6.55 20.72
N LEU A 131 -17.23 -5.39 20.35
CA LEU A 131 -16.69 -4.59 19.26
C LEU A 131 -16.51 -3.17 19.76
N ILE A 132 -15.31 -2.63 19.58
CA ILE A 132 -15.04 -1.24 19.96
C ILE A 132 -14.50 -0.51 18.73
N GLY A 133 -15.14 0.61 18.41
CA GLY A 133 -14.76 1.38 17.24
C GLY A 133 -14.99 2.85 17.49
N SER A 134 -14.93 3.63 16.41
CA SER A 134 -15.16 5.07 16.51
C SER A 134 -16.22 5.49 15.49
N ARG A 135 -17.12 6.37 15.91
CA ARG A 135 -18.13 6.90 15.01
C ARG A 135 -17.52 7.70 13.86
N GLN A 136 -16.35 8.30 14.11
CA GLN A 136 -15.65 9.10 13.09
C GLN A 136 -15.02 8.25 11.99
N HIS A 137 -15.07 6.93 12.14
CA HIS A 137 -14.53 6.06 11.09
C HIS A 137 -15.63 5.81 10.06
N GLU A 138 -15.24 5.81 8.80
CA GLU A 138 -16.15 5.61 7.68
C GLU A 138 -17.13 4.47 7.93
N VAL A 139 -16.64 3.32 8.39
CA VAL A 139 -17.48 2.13 8.56
C VAL A 139 -18.53 2.30 9.66
N PHE A 140 -18.26 3.14 10.65
CA PHE A 140 -19.24 3.37 11.71
C PHE A 140 -19.87 4.76 11.63
N SER A 141 -19.79 5.37 10.44
CA SER A 141 -20.47 6.63 10.14
C SER A 141 -21.97 6.44 10.29
N ASN A 142 -22.45 5.32 9.78
CA ASN A 142 -23.84 4.93 9.90
C ASN A 142 -23.97 3.54 10.53
N ASN A 143 -25.17 2.99 10.53
CA ASN A 143 -25.41 1.68 11.13
C ASN A 143 -25.54 0.56 10.11
N GLN A 144 -25.23 0.86 8.85
CA GLN A 144 -25.36 -0.14 7.80
C GLN A 144 -24.53 -1.39 8.11
N PHE A 145 -23.27 -1.17 8.52
CA PHE A 145 -22.36 -2.27 8.82
C PHE A 145 -22.82 -3.07 10.05
N ILE A 146 -23.09 -2.37 11.14
CA ILE A 146 -23.59 -3.02 12.34
C ILE A 146 -24.83 -3.86 12.05
N ASP A 147 -25.81 -3.26 11.39
CA ASP A 147 -27.07 -3.92 11.07
C ASP A 147 -26.82 -5.18 10.25
N SER A 148 -25.96 -5.05 9.24
CA SER A 148 -25.70 -6.16 8.34
C SER A 148 -25.14 -7.37 9.09
N LEU A 149 -24.62 -7.13 10.30
CA LEU A 149 -24.05 -8.21 11.09
C LEU A 149 -25.14 -9.04 11.74
N HIS A 150 -26.24 -8.39 12.12
CA HIS A 150 -27.37 -9.08 12.70
C HIS A 150 -27.99 -10.01 11.67
N ASP A 151 -27.98 -9.59 10.41
CA ASP A 151 -28.53 -10.38 9.31
C ASP A 151 -27.73 -11.66 9.04
N VAL A 152 -26.73 -11.95 9.86
CA VAL A 152 -25.92 -13.15 9.69
C VAL A 152 -25.56 -13.77 11.04
N ASN A 153 -26.18 -13.26 12.11
CA ASN A 153 -25.95 -13.78 13.46
C ASN A 153 -24.51 -13.58 13.90
N LEU A 154 -23.90 -12.48 13.45
CA LEU A 154 -22.54 -12.13 13.87
C LEU A 154 -22.50 -10.81 14.64
N SER A 155 -23.61 -10.44 15.25
CA SER A 155 -23.66 -9.23 16.06
C SER A 155 -22.97 -9.43 17.40
N PRO A 156 -22.03 -8.53 17.74
CA PRO A 156 -21.41 -8.56 19.06
C PRO A 156 -22.46 -8.28 20.13
N GLU A 157 -22.36 -8.95 21.27
CA GLU A 157 -23.27 -8.67 22.38
C GLU A 157 -23.08 -7.24 22.85
N ILE A 158 -21.87 -6.73 22.72
CA ILE A 158 -21.58 -5.37 23.13
C ILE A 158 -20.78 -4.60 22.08
N ILE A 159 -21.17 -3.34 21.88
CA ILE A 159 -20.52 -2.45 20.94
C ILE A 159 -20.30 -1.12 21.64
N LEU A 160 -19.03 -0.74 21.81
CA LEU A 160 -18.72 0.55 22.40
C LEU A 160 -18.18 1.46 21.30
N MET A 161 -18.55 2.74 21.35
CA MET A 161 -18.08 3.67 20.34
C MET A 161 -17.36 4.86 20.95
N LEU A 162 -16.19 5.17 20.40
CA LEU A 162 -15.52 6.42 20.67
C LEU A 162 -16.25 7.50 19.88
N ASN A 163 -16.26 8.73 20.36
CA ASN A 163 -17.00 9.79 19.68
C ASN A 163 -18.43 9.30 19.46
N HIS A 164 -19.06 8.83 20.54
CA HIS A 164 -20.33 8.12 20.45
C HIS A 164 -21.49 9.07 20.22
N GLN A 165 -22.60 8.49 19.75
CA GLN A 165 -23.86 9.21 19.67
C GLN A 165 -24.65 8.97 20.97
N ALA A 166 -25.59 9.86 21.26
CA ALA A 166 -26.35 9.79 22.53
C ALA A 166 -26.93 8.39 22.84
N THR A 167 -27.33 7.68 21.79
CA THR A 167 -27.91 6.34 21.93
C THR A 167 -26.89 5.24 21.75
N ASP A 168 -25.62 5.60 21.89
CA ASP A 168 -24.51 4.66 21.80
C ASP A 168 -24.03 4.33 23.20
N PHE A 169 -23.47 3.14 23.36
CA PHE A 169 -22.63 2.89 24.52
C PHE A 169 -21.37 3.71 24.27
N GLY A 170 -21.09 4.69 25.12
CA GLY A 170 -19.93 5.54 24.97
C GLY A 170 -18.67 4.94 25.58
N LEU A 171 -17.66 4.71 24.74
CA LEU A 171 -16.40 4.15 25.20
C LEU A 171 -15.84 4.86 26.43
N LEU A 172 -15.84 6.19 26.41
CA LEU A 172 -15.35 6.98 27.53
C LEU A 172 -16.19 6.83 28.79
N ASP A 173 -17.47 6.49 28.62
CA ASP A 173 -18.35 6.33 29.79
C ASP A 173 -17.94 5.08 30.56
N TRP A 174 -17.76 3.98 29.84
CA TRP A 174 -17.29 2.71 30.40
C TRP A 174 -15.87 2.81 30.96
N ILE A 175 -15.05 3.68 30.40
CA ILE A 175 -13.70 3.88 30.93
C ILE A 175 -13.71 4.72 32.20
N GLU A 176 -14.56 5.73 32.24
CA GLU A 176 -14.47 6.74 33.29
C GLU A 176 -15.16 6.34 34.60
N THR A 177 -16.06 5.36 34.55
CA THR A 177 -16.75 4.89 35.76
C THR A 177 -16.86 3.36 35.89
N PRO A 178 -16.40 2.82 37.04
CA PRO A 178 -16.39 1.39 37.34
C PRO A 178 -17.80 0.80 37.35
N ALA A 179 -17.88 -0.52 37.45
CA ALA A 179 -19.17 -1.20 37.39
C ALA A 179 -19.95 -1.05 38.70
N GLU A 180 -21.25 -1.26 38.63
CA GLU A 180 -22.09 -1.19 39.83
C GLU A 180 -21.78 -2.39 40.72
N THR A 181 -21.71 -3.57 40.12
CA THR A 181 -21.40 -4.79 40.86
C THR A 181 -19.97 -5.25 40.59
N PHE A 182 -19.50 -6.21 41.40
CA PHE A 182 -18.14 -6.70 41.27
C PHE A 182 -18.09 -8.15 40.82
N VAL A 183 -17.85 -8.37 39.52
CA VAL A 183 -17.61 -9.71 39.00
C VAL A 183 -16.11 -9.99 38.90
N ASP A 184 -15.71 -11.23 39.16
CA ASP A 184 -14.29 -11.56 39.15
C ASP A 184 -13.75 -11.74 37.72
N PHE A 185 -12.49 -11.38 37.53
CA PHE A 185 -11.86 -11.54 36.22
C PHE A 185 -10.35 -11.63 36.37
N SER A 186 -9.70 -12.17 35.35
CA SER A 186 -8.25 -12.23 35.33
C SER A 186 -7.75 -12.52 33.92
N SER A 187 -6.47 -12.29 33.69
CA SER A 187 -5.85 -12.50 32.39
C SER A 187 -5.90 -13.98 31.99
N THR A 188 -5.88 -14.26 30.70
CA THR A 188 -5.67 -15.63 30.25
C THR A 188 -4.28 -16.08 30.71
N PRO A 189 -4.10 -17.41 30.90
CA PRO A 189 -2.82 -17.88 31.43
C PRO A 189 -1.64 -17.47 30.54
N ALA A 190 -0.45 -17.38 31.13
CA ALA A 190 0.69 -16.77 30.43
C ALA A 190 1.16 -17.55 29.19
N ASP A 191 1.01 -18.87 29.19
CA ASP A 191 1.33 -19.63 27.98
C ASP A 191 0.10 -19.92 27.12
N GLU A 192 -0.92 -19.09 27.26
CA GLU A 192 -2.10 -19.20 26.42
C GLU A 192 -2.22 -17.90 25.61
N VAL A 193 -3.18 -17.83 24.68
CA VAL A 193 -3.29 -16.65 23.80
C VAL A 193 -3.68 -15.40 24.59
N ALA A 194 -2.93 -14.31 24.35
CA ALA A 194 -3.28 -13.01 24.91
C ALA A 194 -4.07 -12.16 23.89
N PHE A 195 -3.59 -12.14 22.65
CA PHE A 195 -4.25 -11.35 21.61
C PHE A 195 -3.85 -11.80 20.23
N PHE A 196 -4.53 -11.28 19.22
CA PHE A 196 -4.17 -11.63 17.84
C PHE A 196 -3.39 -10.51 17.17
N GLN A 197 -2.21 -10.82 16.66
CA GLN A 197 -1.51 -9.92 15.74
C GLN A 197 -2.02 -10.23 14.32
N LEU A 198 -1.66 -9.39 13.36
CA LEU A 198 -2.06 -9.57 11.95
C LEU A 198 -0.83 -9.62 11.05
N SER A 199 -0.80 -10.54 10.11
CA SER A 199 0.27 -10.59 9.13
C SER A 199 0.23 -9.35 8.23
N GLY A 200 1.37 -9.03 7.63
CA GLY A 200 1.45 -7.94 6.68
C GLY A 200 1.93 -8.43 5.32
N THR A 203 -1.10 -10.33 1.97
CA THR A 203 -1.50 -9.14 1.22
C THR A 203 -2.99 -9.19 0.84
N GLY A 204 -3.58 -10.38 0.95
CA GLY A 204 -5.00 -10.54 0.69
C GLY A 204 -5.78 -10.84 1.96
N THR A 205 -6.06 -9.79 2.74
CA THR A 205 -6.71 -9.93 4.06
C THR A 205 -5.75 -10.54 5.07
N PRO A 206 -5.35 -9.75 6.08
CA PRO A 206 -4.40 -10.14 7.11
C PRO A 206 -4.76 -11.44 7.83
N LYS A 207 -3.80 -12.35 7.94
CA LYS A 207 -4.01 -13.59 8.70
C LYS A 207 -3.81 -13.36 10.20
N LEU A 208 -4.53 -14.11 11.04
CA LEU A 208 -4.45 -13.90 12.48
C LEU A 208 -3.30 -14.66 13.13
N ILE A 209 -2.48 -13.94 13.88
CA ILE A 209 -1.34 -14.54 14.54
C ILE A 209 -1.56 -14.54 16.05
N PRO A 210 -1.93 -15.70 16.62
CA PRO A 210 -2.13 -15.74 18.07
C PRO A 210 -0.81 -15.43 18.77
N ARG A 211 -0.82 -14.53 19.74
CA ARG A 211 0.38 -14.25 20.51
C ARG A 211 0.07 -14.52 21.99
N THR A 212 0.96 -15.26 22.66
CA THR A 212 0.78 -15.56 24.08
C THR A 212 1.44 -14.46 24.92
N HIS A 213 1.02 -14.36 26.18
CA HIS A 213 1.67 -13.44 27.12
C HIS A 213 3.17 -13.69 27.20
N ASN A 214 3.58 -14.94 27.38
CA ASN A 214 4.98 -15.26 27.53
C ASN A 214 5.79 -14.73 26.35
N ASP A 215 5.37 -15.12 25.15
CA ASP A 215 6.20 -14.84 23.98
C ASP A 215 6.23 -13.34 23.70
N TYR A 216 5.10 -12.66 23.84
CA TYR A 216 5.05 -11.23 23.52
C TYR A 216 5.81 -10.40 24.55
N ASP A 217 5.60 -10.69 25.82
CA ASP A 217 6.27 -9.95 26.89
C ASP A 217 7.77 -10.12 26.73
N TYR A 218 8.20 -11.34 26.42
CA TYR A 218 9.63 -11.56 26.18
C TYR A 218 10.19 -10.66 25.06
N SER A 219 9.52 -10.67 23.90
CA SER A 219 10.00 -9.85 22.79
C SER A 219 10.07 -8.38 23.22
N VAL A 220 9.07 -7.96 24.00
CA VAL A 220 9.03 -6.59 24.50
C VAL A 220 10.19 -6.27 25.45
N ARG A 221 10.40 -7.12 26.45
CA ARG A 221 11.42 -6.88 27.46
C ARG A 221 12.81 -6.87 26.81
N ALA A 222 13.07 -7.86 25.95
CA ALA A 222 14.37 -8.00 25.30
C ALA A 222 14.63 -6.86 24.30
N SER A 223 13.61 -6.45 23.57
CA SER A 223 13.73 -5.29 22.67
C SER A 223 14.07 -4.02 23.44
N ALA A 224 13.42 -3.82 24.57
CA ALA A 224 13.64 -2.60 25.35
C ALA A 224 15.09 -2.53 25.78
N GLU A 225 15.64 -3.66 26.20
CA GLU A 225 17.04 -3.71 26.58
C GLU A 225 17.97 -3.40 25.39
N ILE A 226 17.70 -4.05 24.28
CA ILE A 226 18.46 -3.81 23.05
C ILE A 226 18.46 -2.33 22.61
N CYS A 227 17.33 -1.65 22.74
CA CYS A 227 17.28 -0.26 22.30
C CYS A 227 17.62 0.73 23.42
N GLY A 228 18.10 0.21 24.55
CA GLY A 228 18.54 1.06 25.64
C GLY A 228 17.47 1.95 26.23
N LEU A 229 16.21 1.52 26.17
CA LEU A 229 15.12 2.31 26.72
C LEU A 229 15.33 2.48 28.21
N ASN A 230 14.85 3.58 28.76
CA ASN A 230 14.90 3.79 30.19
C ASN A 230 13.77 4.74 30.57
N SER A 231 13.76 5.20 31.82
CA SER A 231 12.63 5.98 32.31
C SER A 231 12.53 7.38 31.69
N ASN A 232 13.61 7.81 31.03
CA ASN A 232 13.62 9.08 30.31
C ASN A 232 13.23 8.95 28.85
N THR A 233 12.95 7.74 28.39
CA THR A 233 12.56 7.56 27.00
C THR A 233 11.19 8.17 26.73
N ARG A 234 11.12 8.99 25.70
CA ARG A 234 9.86 9.51 25.20
C ARG A 234 9.74 9.10 23.74
N LEU A 235 8.86 8.14 23.46
CA LEU A 235 8.77 7.55 22.13
C LEU A 235 7.61 8.12 21.35
N LEU A 236 7.88 8.68 20.18
CA LEU A 236 6.84 9.13 19.31
C LEU A 236 6.13 7.93 18.72
N CYS A 237 4.81 7.93 18.79
CA CYS A 237 4.02 6.87 18.19
CA CYS A 237 4.04 6.86 18.16
C CYS A 237 3.25 7.43 16.98
N ALA A 238 3.94 7.49 15.83
CA ALA A 238 3.37 8.07 14.63
C ALA A 238 2.94 7.01 13.63
N LEU A 239 3.42 5.78 13.81
CA LEU A 239 2.96 4.66 12.99
C LEU A 239 1.69 4.13 13.66
N PRO A 240 0.91 3.28 12.98
CA PRO A 240 -0.32 2.78 13.61
C PRO A 240 -0.02 2.02 14.91
N ALA A 241 -0.61 2.47 16.01
CA ALA A 241 -0.38 1.87 17.32
C ALA A 241 -0.46 0.33 17.38
N PRO A 242 -1.39 -0.28 16.61
CA PRO A 242 -1.52 -1.74 16.71
C PRO A 242 -0.41 -2.50 15.99
N HIS A 243 0.33 -1.81 15.11
CA HIS A 243 1.34 -2.49 14.31
C HIS A 243 2.44 -3.09 15.16
N ASN A 244 2.84 -4.33 14.85
CA ASN A 244 3.84 -5.02 15.65
C ASN A 244 5.09 -4.16 15.88
N PHE A 245 5.49 -3.42 14.84
CA PHE A 245 6.63 -2.51 14.91
C PHE A 245 6.40 -1.44 15.98
N MET A 246 5.25 -0.76 15.91
CA MET A 246 4.94 0.34 16.81
C MET A 246 4.52 -0.11 18.22
N LEU A 247 4.10 -1.37 18.33
CA LEU A 247 3.57 -1.86 19.59
C LEU A 247 4.63 -2.52 20.46
N SER A 248 5.58 -3.22 19.82
CA SER A 248 6.48 -4.08 20.57
C SER A 248 7.95 -4.07 20.13
N SER A 249 8.32 -3.24 19.17
CA SER A 249 9.68 -3.38 18.61
C SER A 249 10.58 -2.14 18.60
N PRO A 250 10.84 -1.55 19.77
CA PRO A 250 10.34 -1.94 21.09
C PRO A 250 8.93 -1.40 21.35
N GLY A 251 8.55 -0.33 20.66
CA GLY A 251 7.19 0.17 20.68
C GLY A 251 6.70 0.73 22.00
N ALA A 252 5.42 1.07 22.04
CA ALA A 252 4.77 1.53 23.26
C ALA A 252 4.93 0.55 24.43
N LEU A 253 4.79 -0.74 24.17
CA LEU A 253 4.90 -1.71 25.27
C LEU A 253 6.32 -1.69 25.86
N GLY A 254 7.31 -1.61 24.98
CA GLY A 254 8.70 -1.57 25.39
C GLY A 254 9.00 -0.33 26.21
N VAL A 255 8.44 0.79 25.79
CA VAL A 255 8.67 2.03 26.52
C VAL A 255 7.99 1.95 27.89
N LEU A 256 6.77 1.44 27.92
CA LEU A 256 6.10 1.25 29.21
C LEU A 256 6.85 0.26 30.09
N HIS A 257 7.43 -0.78 29.47
CA HIS A 257 8.21 -1.74 30.23
C HIS A 257 9.39 -1.08 30.92
N ALA A 258 10.01 -0.12 30.24
CA ALA A 258 11.16 0.61 30.76
C ALA A 258 10.78 1.84 31.60
N GLY A 259 9.49 2.07 31.78
CA GLY A 259 9.04 3.16 32.64
C GLY A 259 9.04 4.53 31.98
N GLY A 260 9.20 4.55 30.66
CA GLY A 260 9.17 5.80 29.93
C GLY A 260 7.78 6.25 29.54
N CYS A 261 7.72 7.10 28.52
CA CYS A 261 6.47 7.69 28.09
C CYS A 261 6.26 7.58 26.57
N VAL A 262 5.06 7.19 26.18
CA VAL A 262 4.67 7.18 24.77
C VAL A 262 4.04 8.53 24.42
N VAL A 263 4.36 9.08 23.26
CA VAL A 263 3.83 10.38 22.81
C VAL A 263 3.10 10.19 21.47
N MET A 264 1.79 10.42 21.46
CA MET A 264 0.97 10.06 20.31
C MET A 264 1.08 11.07 19.18
N ALA A 265 1.02 10.56 17.95
CA ALA A 265 0.81 11.40 16.77
C ALA A 265 -0.17 10.65 15.88
N PRO A 266 -1.02 11.38 15.15
CA PRO A 266 -1.99 10.74 14.25
C PRO A 266 -1.31 9.94 13.15
N ASN A 267 -0.19 10.45 12.64
CA ASN A 267 0.53 9.85 11.52
C ASN A 267 1.92 10.47 11.44
N PRO A 268 2.74 10.05 10.45
CA PRO A 268 4.10 10.62 10.39
C PRO A 268 4.22 11.98 9.66
N GLU A 269 3.13 12.69 9.43
CA GLU A 269 3.23 13.98 8.73
C GLU A 269 4.26 14.82 9.47
N PRO A 270 5.28 15.30 8.75
CA PRO A 270 6.47 15.96 9.30
C PRO A 270 6.18 17.16 10.20
N LEU A 271 5.37 18.10 9.74
CA LEU A 271 5.30 19.36 10.47
C LEU A 271 4.59 19.13 11.79
N ASN A 272 3.49 18.38 11.75
CA ASN A 272 2.81 18.08 12.99
C ASN A 272 3.73 17.30 13.94
N CYS A 273 4.36 16.25 13.41
CA CYS A 273 5.28 15.45 14.22
C CYS A 273 6.41 16.30 14.79
N PHE A 274 6.91 17.24 14.00
CA PHE A 274 8.04 18.06 14.43
C PHE A 274 7.67 18.93 15.63
N SER A 275 6.49 19.54 15.59
CA SER A 275 6.07 20.37 16.72
C SER A 275 5.78 19.52 17.96
N ILE A 276 5.20 18.35 17.74
CA ILE A 276 4.98 17.41 18.86
C ILE A 276 6.32 17.03 19.49
N ILE A 277 7.31 16.70 18.65
CA ILE A 277 8.64 16.34 19.11
C ILE A 277 9.26 17.47 19.93
N GLN A 278 9.12 18.69 19.42
CA GLN A 278 9.62 19.86 20.10
C GLN A 278 8.90 20.09 21.43
N ARG A 279 7.56 20.07 21.40
CA ARG A 279 6.77 20.35 22.60
C ARG A 279 7.09 19.43 23.76
N HIS A 280 7.22 18.14 23.45
CA HIS A 280 7.36 17.16 24.52
C HIS A 280 8.79 16.62 24.63
N GLN A 281 9.71 17.24 23.87
CA GLN A 281 11.08 16.78 23.86
C GLN A 281 11.19 15.27 23.62
N VAL A 282 10.45 14.78 22.62
CA VAL A 282 10.58 13.39 22.19
C VAL A 282 12.04 13.06 21.87
N ASN A 283 12.53 11.92 22.35
CA ASN A 283 13.91 11.55 22.10
C ASN A 283 14.07 10.26 21.29
N MET A 284 12.94 9.67 20.88
CA MET A 284 12.96 8.45 20.10
C MET A 284 11.77 8.43 19.16
N ALA A 285 11.96 7.86 17.97
CA ALA A 285 10.86 7.68 17.04
C ALA A 285 11.09 6.46 16.15
N SER A 286 10.02 6.00 15.50
CA SER A 286 10.07 4.80 14.67
C SER A 286 9.29 5.05 13.39
N LEU A 287 9.92 4.75 12.25
CA LEU A 287 9.33 5.09 10.97
C LEU A 287 9.60 4.03 9.92
N VAL A 288 8.86 4.12 8.82
CA VAL A 288 9.13 3.34 7.62
C VAL A 288 9.86 4.28 6.64
N PRO A 289 10.59 3.72 5.67
CA PRO A 289 11.41 4.57 4.79
C PRO A 289 10.66 5.74 4.12
N SER A 290 9.45 5.53 3.62
CA SER A 290 8.73 6.62 2.94
C SER A 290 8.50 7.81 3.87
N ALA A 291 8.34 7.54 5.16
CA ALA A 291 8.15 8.61 6.13
C ALA A 291 9.46 9.29 6.47
N VAL A 292 10.56 8.51 6.52
CA VAL A 292 11.87 9.08 6.76
C VAL A 292 12.17 10.13 5.65
N ILE A 293 11.83 9.76 4.42
CA ILE A 293 12.03 10.66 3.27
C ILE A 293 11.25 11.94 3.47
N MET A 294 9.98 11.84 3.87
CA MET A 294 9.22 13.07 4.16
C MET A 294 9.90 13.91 5.23
N TRP A 295 10.44 13.27 6.26
CA TRP A 295 11.08 14.03 7.32
C TRP A 295 12.35 14.68 6.80
N LEU A 296 13.12 13.92 6.03
CA LEU A 296 14.36 14.46 5.45
C LEU A 296 14.12 15.74 4.65
N GLU A 297 13.04 15.79 3.88
CA GLU A 297 12.74 16.97 3.05
C GLU A 297 12.61 18.26 3.87
N LYS A 298 12.22 18.15 5.14
CA LYS A 298 11.94 19.33 5.95
C LYS A 298 12.85 19.52 7.14
N ALA A 299 13.73 18.56 7.40
CA ALA A 299 14.55 18.57 8.62
C ALA A 299 15.55 19.73 8.70
N ALA A 300 16.16 20.08 7.58
CA ALA A 300 17.11 21.19 7.55
C ALA A 300 16.44 22.47 8.08
N GLN A 301 15.27 22.78 7.54
CA GLN A 301 14.55 23.99 7.91
C GLN A 301 13.99 23.94 9.35
N TYR A 302 13.63 22.75 9.82
CA TYR A 302 13.04 22.63 11.15
C TYR A 302 13.98 21.95 12.13
N LYS A 303 15.27 22.12 11.88
CA LYS A 303 16.33 21.55 12.70
C LYS A 303 16.06 21.73 14.18
N ASP A 304 15.73 22.97 14.57
CA ASP A 304 15.54 23.32 15.99
C ASP A 304 14.47 22.46 16.67
N GLN A 305 13.42 22.14 15.93
CA GLN A 305 12.28 21.42 16.49
C GLN A 305 12.58 19.95 16.80
N ILE A 306 13.47 19.35 16.02
CA ILE A 306 13.74 17.93 16.19
C ILE A 306 15.08 17.64 16.85
N GLN A 307 15.76 18.65 17.38
N GLN A 307 15.72 18.68 17.39
CA GLN A 307 17.07 18.39 17.99
CA GLN A 307 16.99 18.57 18.10
C GLN A 307 17.02 17.34 19.11
C GLN A 307 16.99 17.40 19.09
N SER A 308 15.87 17.22 19.79
CA SER A 308 15.79 16.24 20.89
C SER A 308 15.84 14.75 20.48
N LEU A 309 15.56 14.43 19.21
CA LEU A 309 15.63 13.04 18.77
C LEU A 309 16.99 12.45 19.09
N LYS A 310 17.04 11.28 19.72
CA LYS A 310 18.34 10.65 19.98
C LYS A 310 18.46 9.35 19.19
N LEU A 311 17.33 8.73 18.88
CA LEU A 311 17.35 7.44 18.22
C LEU A 311 16.15 7.34 17.28
N LEU A 312 16.41 6.94 16.04
CA LEU A 312 15.35 6.73 15.07
C LEU A 312 15.45 5.30 14.58
N GLN A 313 14.40 4.52 14.80
CA GLN A 313 14.33 3.20 14.20
C GLN A 313 13.74 3.30 12.83
N VAL A 314 14.24 2.47 11.91
CA VAL A 314 13.65 2.45 10.58
C VAL A 314 13.48 1.02 10.13
N GLY A 315 12.27 0.69 9.70
CA GLY A 315 12.00 -0.64 9.17
C GLY A 315 10.94 -0.64 8.09
N GLY A 316 10.94 -1.70 7.29
CA GLY A 316 9.95 -1.85 6.25
C GLY A 316 10.57 -1.58 4.89
N ALA A 317 9.81 -1.85 3.83
CA ALA A 317 10.28 -1.52 2.48
C ALA A 317 11.75 -1.83 2.22
N SER A 318 12.44 -0.79 1.77
CA SER A 318 13.80 -0.88 1.29
C SER A 318 14.48 0.41 1.70
N PHE A 319 15.66 0.29 2.30
CA PHE A 319 16.29 1.43 2.93
C PHE A 319 17.74 1.43 2.54
N PRO A 320 18.03 1.88 1.32
CA PRO A 320 19.38 1.82 0.76
C PRO A 320 20.39 2.61 1.60
N GLU A 321 21.64 2.17 1.56
CA GLU A 321 22.68 2.79 2.36
C GLU A 321 22.74 4.31 2.25
N SER A 322 22.58 4.83 1.03
CA SER A 322 22.72 6.25 0.80
C SER A 322 21.64 7.03 1.54
N LEU A 323 20.47 6.43 1.68
CA LEU A 323 19.37 7.07 2.41
C LEU A 323 19.61 6.95 3.92
N ALA A 324 20.03 5.77 4.35
CA ALA A 324 20.32 5.49 5.76
C ALA A 324 21.33 6.49 6.34
N ARG A 325 22.36 6.83 5.57
CA ARG A 325 23.40 7.74 6.04
C ARG A 325 22.87 9.15 6.27
N GLN A 326 21.78 9.48 5.60
CA GLN A 326 21.18 10.79 5.79
C GLN A 326 20.51 10.95 7.15
N VAL A 327 20.20 9.85 7.84
CA VAL A 327 19.49 9.95 9.11
C VAL A 327 20.31 10.69 10.18
N PRO A 328 21.51 10.18 10.51
CA PRO A 328 22.35 10.92 11.47
C PRO A 328 22.81 12.25 10.89
N GLU A 329 22.99 12.30 9.57
CA GLU A 329 23.47 13.52 8.94
C GLU A 329 22.44 14.65 8.99
N VAL A 330 21.18 14.33 8.70
CA VAL A 330 20.17 15.39 8.59
C VAL A 330 19.20 15.42 9.79
N LEU A 331 18.80 14.25 10.28
CA LEU A 331 17.86 14.18 11.40
C LEU A 331 18.60 14.28 12.73
N ASN A 332 19.93 14.23 12.67
CA ASN A 332 20.74 14.52 13.84
C ASN A 332 20.50 13.55 15.00
N CYS A 333 20.34 12.28 14.67
CA CYS A 333 20.14 11.28 15.70
C CYS A 333 20.75 9.97 15.24
N LYS A 334 20.97 9.06 16.18
CA LYS A 334 21.45 7.73 15.89
C LYS A 334 20.42 6.96 15.05
N LEU A 335 20.90 6.08 14.18
CA LEU A 335 20.01 5.23 13.39
C LEU A 335 20.04 3.79 13.88
N GLN A 336 18.88 3.15 13.88
CA GLN A 336 18.79 1.72 14.15
C GLN A 336 17.90 1.13 13.08
N GLN A 337 18.40 0.10 12.41
CA GLN A 337 17.58 -0.59 11.41
C GLN A 337 16.86 -1.78 12.06
N VAL A 338 15.63 -2.02 11.62
CA VAL A 338 14.81 -3.07 12.18
C VAL A 338 14.17 -3.84 11.05
N PHE A 339 14.39 -5.14 11.02
CA PHE A 339 13.65 -6.03 10.15
C PHE A 339 12.93 -7.08 11.01
N GLY A 340 11.61 -6.99 11.07
CA GLY A 340 10.82 -7.86 11.90
C GLY A 340 9.57 -8.31 11.19
N MET A 341 8.73 -9.06 11.92
CA MET A 341 7.47 -9.55 11.36
C MET A 341 6.50 -9.82 12.48
N ALA A 342 5.22 -9.54 12.24
CA ALA A 342 4.19 -9.77 13.23
C ALA A 342 4.14 -11.24 13.68
N GLU A 343 4.60 -12.13 12.81
CA GLU A 343 4.67 -13.56 13.12
C GLU A 343 5.68 -13.91 14.20
N GLY A 344 6.63 -13.00 14.47
CA GLY A 344 7.60 -13.25 15.52
C GLY A 344 8.94 -12.55 15.35
N LEU A 345 9.91 -13.26 14.75
CA LEU A 345 11.29 -12.78 14.59
C LEU A 345 11.45 -11.29 14.31
N VAL A 346 12.27 -10.62 15.12
CA VAL A 346 12.64 -9.24 14.91
C VAL A 346 14.15 -9.10 14.98
N ASN A 347 14.72 -8.37 14.02
CA ASN A 347 16.14 -8.07 13.96
C ASN A 347 16.40 -6.59 14.15
N TYR A 348 17.39 -6.26 14.99
CA TYR A 348 17.82 -4.88 15.21
C TYR A 348 19.31 -4.75 14.95
N THR A 349 19.74 -3.68 14.29
CA THR A 349 21.14 -3.31 14.43
C THR A 349 21.33 -2.90 15.89
N ARG A 350 22.48 -3.20 16.46
CA ARG A 350 22.77 -2.84 17.84
C ARG A 350 23.27 -1.40 17.94
N LEU A 351 23.13 -0.80 19.12
CA LEU A 351 23.51 0.58 19.30
C LEU A 351 25.02 0.80 19.19
N ASP A 352 25.78 -0.26 19.43
CA ASP A 352 27.24 -0.18 19.33
C ASP A 352 27.76 -0.93 18.09
N ASP A 353 26.90 -1.11 17.11
CA ASP A 353 27.32 -1.70 15.84
C ASP A 353 28.15 -0.66 15.11
N SER A 354 28.98 -1.10 14.17
CA SER A 354 29.76 -0.18 13.37
C SER A 354 28.83 0.57 12.44
N ASP A 355 29.27 1.75 11.98
CA ASP A 355 28.57 2.49 10.93
C ASP A 355 28.18 1.63 9.73
N GLU A 356 29.15 0.87 9.23
CA GLU A 356 28.91 -0.02 8.10
C GLU A 356 27.74 -0.95 8.39
N GLN A 357 27.75 -1.53 9.58
CA GLN A 357 26.69 -2.44 9.98
C GLN A 357 25.35 -1.73 10.02
N ILE A 358 25.35 -0.51 10.55
CA ILE A 358 24.11 0.22 10.75
C ILE A 358 23.52 0.76 9.45
N PHE A 359 24.40 1.12 8.50
CA PHE A 359 23.95 1.70 7.25
C PHE A 359 23.68 0.68 6.14
N THR A 360 24.16 -0.55 6.30
CA THR A 360 24.06 -1.53 5.22
C THR A 360 23.45 -2.89 5.61
N THR A 361 23.01 -3.04 6.85
CA THR A 361 22.34 -4.28 7.26
C THR A 361 21.05 -4.01 8.04
N GLN A 362 20.24 -5.04 8.18
CA GLN A 362 19.01 -4.94 8.96
C GLN A 362 19.18 -5.67 10.30
N GLY A 363 20.42 -5.73 10.77
CA GLY A 363 20.70 -6.18 12.13
C GLY A 363 20.62 -7.68 12.36
N ARG A 364 20.44 -8.06 13.62
CA ARG A 364 20.40 -9.47 13.97
C ARG A 364 19.32 -9.74 15.00
N PRO A 365 18.95 -11.01 15.17
CA PRO A 365 17.78 -11.37 15.99
C PRO A 365 17.88 -10.90 17.44
N ILE A 366 16.72 -10.74 18.05
CA ILE A 366 16.62 -10.45 19.48
C ILE A 366 17.33 -11.51 20.34
N SER A 367 17.06 -12.78 20.05
CA SER A 367 17.45 -13.86 20.95
C SER A 367 18.59 -14.71 20.41
N SER A 368 19.46 -15.17 21.31
CA SER A 368 20.49 -16.13 20.91
C SER A 368 19.80 -17.44 20.52
N ASP A 369 18.55 -17.60 20.92
CA ASP A 369 17.78 -18.79 20.53
C ASP A 369 16.77 -18.55 19.41
N ASP A 370 16.86 -17.39 18.76
CA ASP A 370 16.22 -17.25 17.48
C ASP A 370 17.04 -18.11 16.54
N GLU A 371 16.44 -19.14 15.97
CA GLU A 371 17.16 -20.00 15.05
C GLU A 371 16.80 -19.60 13.63
N ILE A 372 17.80 -19.59 12.75
CA ILE A 372 17.60 -19.13 11.40
C ILE A 372 18.20 -20.09 10.38
N LYS A 373 17.40 -20.50 9.41
CA LYS A 373 17.90 -21.15 8.20
C LYS A 373 17.72 -20.24 6.99
N ILE A 374 18.74 -20.17 6.15
CA ILE A 374 18.66 -19.45 4.87
C ILE A 374 18.84 -20.49 3.78
N VAL A 375 17.77 -20.80 3.05
CA VAL A 375 17.77 -21.97 2.17
C VAL A 375 17.62 -21.66 0.67
N ASP A 376 18.08 -22.60 -0.16
CA ASP A 376 17.94 -22.48 -1.61
C ASP A 376 16.60 -23.07 -2.07
N GLU A 377 16.46 -23.25 -3.37
CA GLU A 377 15.20 -23.69 -3.97
C GLU A 377 14.81 -25.11 -3.56
N GLN A 378 15.80 -25.90 -3.14
CA GLN A 378 15.54 -27.25 -2.62
C GLN A 378 15.57 -27.27 -1.10
N TYR A 379 15.40 -26.12 -0.48
CA TYR A 379 15.34 -26.04 0.98
C TYR A 379 16.59 -26.55 1.68
N ARG A 380 17.72 -26.55 0.97
CA ARG A 380 19.00 -26.84 1.58
C ARG A 380 19.64 -25.53 2.01
N GLU A 381 20.26 -25.51 3.18
CA GLU A 381 20.95 -24.31 3.63
C GLU A 381 21.99 -23.92 2.59
N VAL A 382 21.96 -22.65 2.19
CA VAL A 382 22.91 -22.15 1.20
C VAL A 382 24.30 -22.00 1.82
N PRO A 383 25.33 -21.91 0.97
CA PRO A 383 26.67 -21.57 1.46
C PRO A 383 26.65 -20.27 2.25
N GLU A 384 27.47 -20.19 3.29
CA GLU A 384 27.55 -19.00 4.13
C GLU A 384 27.69 -17.73 3.30
N GLY A 385 26.76 -16.80 3.49
CA GLY A 385 26.84 -15.51 2.84
C GLY A 385 26.01 -15.35 1.56
N GLU A 386 25.56 -16.45 0.98
CA GLU A 386 24.75 -16.37 -0.23
C GLU A 386 23.34 -15.94 0.13
N ILE A 387 22.58 -15.56 -0.89
CA ILE A 387 21.18 -15.19 -0.72
C ILE A 387 20.29 -16.41 -0.70
N GLY A 388 19.31 -16.43 0.21
CA GLY A 388 18.38 -17.52 0.33
C GLY A 388 17.07 -17.13 0.99
N MET A 389 16.15 -18.08 1.09
CA MET A 389 14.86 -17.86 1.73
C MET A 389 14.99 -18.01 3.24
N LEU A 390 14.41 -17.07 3.97
CA LEU A 390 14.45 -17.09 5.42
C LEU A 390 13.51 -18.16 6.00
N ALA A 391 14.02 -18.99 6.90
CA ALA A 391 13.18 -19.87 7.71
C ALA A 391 13.59 -19.67 9.17
N THR A 392 12.63 -19.60 10.07
CA THR A 392 13.01 -19.24 11.43
C THR A 392 12.09 -19.81 12.52
N ARG A 393 12.64 -19.95 13.72
CA ARG A 393 11.83 -20.30 14.89
C ARG A 393 12.54 -19.80 16.14
N GLY A 394 11.80 -19.64 17.22
CA GLY A 394 12.36 -19.03 18.42
C GLY A 394 11.35 -18.84 19.51
N PRO A 395 11.77 -18.22 20.62
CA PRO A 395 10.95 -18.07 21.83
C PRO A 395 9.78 -17.11 21.63
N TYR A 396 9.74 -16.35 20.54
CA TYR A 396 8.60 -15.48 20.34
C TYR A 396 8.07 -15.55 18.90
N THR A 397 8.47 -16.57 18.16
CA THR A 397 7.91 -16.79 16.82
C THR A 397 6.79 -17.82 16.88
N PHE A 398 5.67 -17.52 16.23
CA PHE A 398 4.46 -18.33 16.34
C PHE A 398 4.64 -19.71 15.71
N CYS A 399 3.68 -20.59 15.95
CA CYS A 399 3.75 -21.97 15.45
C CYS A 399 2.64 -22.27 14.44
N GLY A 400 1.80 -21.28 14.16
CA GLY A 400 0.78 -21.40 13.14
C GLY A 400 -0.25 -20.29 13.22
N TYR A 401 -0.84 -19.95 12.07
CA TYR A 401 -1.94 -18.98 12.05
C TYR A 401 -3.18 -19.60 12.72
N TYR A 402 -4.04 -18.73 13.24
CA TYR A 402 -5.30 -19.16 13.85
C TYR A 402 -6.21 -19.91 12.90
N GLN A 403 -6.55 -21.15 13.24
CA GLN A 403 -7.49 -21.93 12.45
C GLN A 403 -7.16 -21.96 10.97
N SER A 404 -5.90 -22.24 10.64
CA SER A 404 -5.48 -22.29 9.25
C SER A 404 -4.54 -23.44 8.98
N PRO A 405 -5.03 -24.69 9.17
CA PRO A 405 -4.21 -25.90 9.06
C PRO A 405 -3.60 -26.09 7.68
N GLU A 406 -4.34 -25.76 6.63
CA GLU A 406 -3.84 -25.93 5.27
C GLU A 406 -2.67 -24.97 4.97
N HIS A 407 -2.85 -23.69 5.29
CA HIS A 407 -1.77 -22.72 5.10
C HIS A 407 -0.56 -23.03 5.96
N ASN A 408 -0.79 -23.27 7.26
CA ASN A 408 0.28 -23.55 8.19
C ASN A 408 1.21 -24.64 7.67
N SER A 409 0.61 -25.69 7.11
CA SER A 409 1.38 -26.82 6.60
C SER A 409 2.22 -26.39 5.41
N GLN A 410 1.78 -25.34 4.73
CA GLN A 410 2.50 -24.81 3.57
C GLN A 410 3.67 -23.90 3.96
N VAL A 411 3.63 -23.28 5.14
CA VAL A 411 4.68 -22.33 5.52
C VAL A 411 5.57 -22.78 6.68
N PHE A 412 5.31 -23.94 7.25
CA PHE A 412 6.14 -24.51 8.30
C PHE A 412 6.72 -25.83 7.83
N ASP A 413 7.97 -26.12 8.19
CA ASP A 413 8.54 -27.41 7.86
C ASP A 413 8.40 -28.38 9.04
N GLU A 414 8.95 -29.59 8.91
CA GLU A 414 8.75 -30.63 9.92
C GLU A 414 9.35 -30.26 11.27
N ASP A 415 10.28 -29.31 11.28
CA ASP A 415 10.92 -28.88 12.51
C ASP A 415 10.27 -27.59 13.02
N ASN A 416 9.15 -27.23 12.42
CA ASN A 416 8.39 -26.07 12.83
C ASN A 416 9.09 -24.75 12.58
N TYR A 417 9.99 -24.74 11.60
CA TYR A 417 10.56 -23.48 11.12
C TYR A 417 9.50 -22.79 10.29
N TYR A 418 9.40 -21.47 10.45
CA TYR A 418 8.47 -20.65 9.68
C TYR A 418 9.17 -20.03 8.49
N TYR A 419 8.55 -20.15 7.31
CA TYR A 419 9.13 -19.62 6.07
C TYR A 419 8.42 -18.32 5.70
N SER A 420 9.11 -17.21 5.93
CA SER A 420 8.50 -15.89 5.84
C SER A 420 8.41 -15.38 4.40
N GLY A 421 9.15 -16.03 3.50
CA GLY A 421 9.20 -15.61 2.11
C GLY A 421 10.29 -14.58 1.82
N ASP A 422 10.87 -14.02 2.86
CA ASP A 422 11.92 -13.02 2.70
C ASP A 422 13.20 -13.62 2.13
N LEU A 423 13.88 -12.85 1.28
CA LEU A 423 15.18 -13.26 0.75
C LEU A 423 16.26 -12.53 1.52
N VAL A 424 17.21 -13.28 2.09
CA VAL A 424 18.21 -12.68 2.95
C VAL A 424 19.59 -13.30 2.73
N GLN A 425 20.61 -12.58 3.18
CA GLN A 425 21.96 -13.12 3.29
C GLN A 425 22.55 -12.68 4.61
N ARG A 426 23.38 -13.55 5.21
CA ARG A 426 24.06 -13.20 6.43
C ARG A 426 25.38 -12.52 6.10
N THR A 427 25.66 -11.40 6.77
CA THR A 427 26.89 -10.68 6.49
C THR A 427 28.00 -11.24 7.37
N PRO A 428 29.26 -10.97 6.99
CA PRO A 428 30.41 -11.52 7.73
C PRO A 428 30.36 -11.09 9.20
N ASP A 429 30.02 -9.82 9.43
CA ASP A 429 29.87 -9.29 10.80
C ASP A 429 28.87 -10.09 11.66
N GLY A 430 27.93 -10.80 11.04
CA GLY A 430 26.90 -11.54 11.77
C GLY A 430 25.47 -11.04 11.57
N ASN A 431 25.31 -9.85 11.00
CA ASN A 431 23.98 -9.27 10.78
C ASN A 431 23.27 -9.83 9.55
N LEU A 432 22.02 -9.41 9.36
CA LEU A 432 21.26 -9.84 8.20
C LEU A 432 21.03 -8.70 7.23
N ARG A 433 21.06 -9.02 5.94
CA ARG A 433 20.69 -8.08 4.90
C ARG A 433 19.49 -8.65 4.15
N VAL A 434 18.39 -7.90 4.14
CA VAL A 434 17.20 -8.31 3.41
C VAL A 434 17.30 -7.80 1.97
N VAL A 435 17.22 -8.71 1.00
CA VAL A 435 17.44 -8.30 -0.40
C VAL A 435 16.19 -8.41 -1.27
N GLY A 436 15.18 -9.13 -0.80
CA GLY A 436 13.97 -9.25 -1.57
C GLY A 436 12.92 -10.10 -0.92
N ARG A 437 11.93 -10.52 -1.71
CA ARG A 437 10.83 -11.29 -1.17
C ARG A 437 10.37 -12.26 -2.25
N ILE A 438 9.99 -13.46 -1.81
CA ILE A 438 9.48 -14.50 -2.69
C ILE A 438 8.03 -14.76 -2.35
N LYS A 439 7.20 -14.88 -3.37
CA LYS A 439 5.77 -15.15 -3.19
C LYS A 439 5.50 -16.63 -3.37
N LYS B 5 9.43 27.02 -25.68
CA LYS B 5 9.90 26.81 -27.05
C LYS B 5 10.56 25.44 -27.19
N GLN B 6 11.30 25.04 -26.15
CA GLN B 6 11.97 23.73 -26.13
C GLN B 6 11.04 22.63 -25.61
N LEU B 7 11.10 21.46 -26.24
CA LEU B 7 10.25 20.34 -25.84
C LEU B 7 10.84 19.67 -24.58
N ILE B 8 9.97 19.00 -23.83
CA ILE B 8 10.39 18.30 -22.62
C ILE B 8 11.53 17.33 -22.93
N GLU B 9 12.59 17.36 -22.12
CA GLU B 9 13.70 16.41 -22.30
C GLU B 9 13.35 14.99 -21.83
N PHE B 10 13.88 13.99 -22.52
CA PHE B 10 13.75 12.59 -22.12
C PHE B 10 14.87 11.78 -22.76
N VAL B 11 15.05 10.54 -22.32
CA VAL B 11 16.04 9.68 -22.92
C VAL B 11 15.46 8.93 -24.12
N ARG B 12 15.99 9.21 -25.31
CA ARG B 12 15.48 8.60 -26.55
C ARG B 12 16.00 7.18 -26.73
N TRP B 13 15.26 6.41 -27.53
CA TRP B 13 15.74 5.15 -28.05
C TRP B 13 16.91 5.46 -28.96
N SER B 14 17.77 4.47 -29.19
CA SER B 14 18.84 4.63 -30.15
C SER B 14 18.22 4.72 -31.55
N PRO B 15 18.84 5.49 -32.45
CA PRO B 15 18.26 5.65 -33.80
C PRO B 15 18.01 4.29 -34.49
N GLU B 16 18.91 3.33 -34.30
CA GLU B 16 18.78 2.01 -34.90
C GLU B 16 17.50 1.31 -34.40
N ARG B 17 17.27 1.37 -33.09
CA ARG B 17 16.06 0.78 -32.52
C ARG B 17 14.81 1.51 -33.01
N ALA B 18 14.86 2.83 -33.07
CA ALA B 18 13.72 3.60 -33.55
C ALA B 18 13.37 3.20 -34.99
N GLN B 19 14.39 3.05 -35.83
CA GLN B 19 14.14 2.68 -37.21
C GLN B 19 13.53 1.29 -37.28
N HIS B 20 14.07 0.36 -36.50
CA HIS B 20 13.52 -0.98 -36.49
C HIS B 20 12.05 -0.97 -36.09
N TYR B 21 11.70 -0.20 -35.07
CA TYR B 21 10.31 -0.14 -34.60
C TYR B 21 9.36 0.52 -35.60
N ARG B 22 9.87 1.47 -36.39
CA ARG B 22 9.09 2.03 -37.50
C ARG B 22 8.95 1.02 -38.62
N ASN B 23 10.06 0.34 -38.93
CA ASN B 23 10.06 -0.68 -39.96
C ASN B 23 9.08 -1.83 -39.66
N LYS B 24 9.00 -2.21 -38.39
CA LYS B 24 8.07 -3.26 -37.97
C LYS B 24 6.62 -2.79 -38.01
N GLY B 25 6.43 -1.48 -38.08
CA GLY B 25 5.09 -0.92 -38.04
C GLY B 25 4.58 -0.71 -36.62
N TYR B 26 5.45 -0.81 -35.62
CA TYR B 26 5.05 -0.55 -34.23
C TYR B 26 4.81 0.94 -34.04
N TRP B 27 5.82 1.75 -34.38
CA TRP B 27 5.69 3.20 -34.32
C TRP B 27 5.15 3.67 -35.66
N ILE B 28 3.97 4.28 -35.66
CA ILE B 28 3.38 4.80 -36.90
C ILE B 28 3.40 6.32 -36.97
N ASP B 29 4.09 6.93 -35.99
CA ASP B 29 4.27 8.38 -35.93
C ASP B 29 2.99 9.21 -35.98
N GLN B 30 1.98 8.77 -35.22
CA GLN B 30 0.74 9.51 -35.07
C GLN B 30 0.60 9.91 -33.60
N PRO B 31 -0.02 11.06 -33.35
CA PRO B 31 -0.29 11.45 -31.95
C PRO B 31 -1.32 10.52 -31.35
N LEU B 32 -1.35 10.43 -30.02
CA LEU B 32 -2.33 9.62 -29.32
C LEU B 32 -3.77 10.06 -29.63
N THR B 33 -3.92 11.29 -30.13
CA THR B 33 -5.24 11.78 -30.52
C THR B 33 -5.80 10.99 -31.71
N ARG B 34 -4.94 10.24 -32.40
CA ARG B 34 -5.38 9.34 -33.46
C ARG B 34 -6.59 8.51 -33.02
N ILE B 35 -6.55 8.00 -31.80
CA ILE B 35 -7.65 7.21 -31.27
C ILE B 35 -9.02 7.90 -31.41
N LEU B 36 -9.07 9.19 -31.13
CA LEU B 36 -10.30 9.96 -31.24
C LEU B 36 -10.62 10.26 -32.70
N THR B 37 -9.65 10.85 -33.40
CA THR B 37 -9.82 11.24 -34.80
C THR B 37 -10.40 10.12 -35.64
N VAL B 38 -9.80 8.94 -35.54
CA VAL B 38 -10.26 7.78 -36.28
C VAL B 38 -11.69 7.38 -35.90
N GLY B 39 -11.96 7.36 -34.60
CA GLY B 39 -13.28 6.97 -34.12
C GLY B 39 -14.37 7.91 -34.57
N VAL B 40 -14.08 9.21 -34.54
CA VAL B 40 -15.04 10.21 -34.97
C VAL B 40 -15.39 10.02 -36.45
N GLN B 41 -14.45 9.44 -37.20
CA GLN B 41 -14.65 9.22 -38.62
C GLN B 41 -15.45 7.96 -38.89
N SER B 42 -15.23 6.93 -38.08
CA SER B 42 -15.83 5.62 -38.33
C SER B 42 -17.20 5.45 -37.65
N HIS B 43 -17.34 5.99 -36.45
CA HIS B 43 -18.53 5.75 -35.62
C HIS B 43 -18.77 6.90 -34.65
N PRO B 44 -19.01 8.11 -35.20
CA PRO B 44 -19.13 9.35 -34.41
C PRO B 44 -20.12 9.24 -33.24
N HIS B 45 -21.20 8.49 -33.44
CA HIS B 45 -22.26 8.47 -32.43
C HIS B 45 -22.25 7.21 -31.58
N SER B 46 -21.29 6.31 -31.83
CA SER B 46 -21.06 5.21 -30.91
C SER B 46 -20.74 5.80 -29.56
N LEU B 47 -21.17 5.13 -28.49
CA LEU B 47 -20.86 5.58 -27.13
C LEU B 47 -19.38 5.38 -26.84
N ALA B 48 -18.77 6.43 -26.28
CA ALA B 48 -17.36 6.40 -25.95
C ALA B 48 -17.17 6.20 -24.45
N ILE B 49 -17.83 7.06 -23.67
CA ILE B 49 -17.73 7.01 -22.21
C ILE B 49 -19.12 7.06 -21.58
N ILE B 50 -19.34 6.19 -20.59
CA ILE B 50 -20.51 6.26 -19.74
C ILE B 50 -20.06 6.57 -18.32
N CYS B 51 -20.53 7.69 -17.77
CA CYS B 51 -20.18 8.06 -16.41
C CYS B 51 -21.45 8.38 -15.62
N GLY B 52 -21.92 7.39 -14.86
CA GLY B 52 -23.16 7.51 -14.12
C GLY B 52 -24.34 7.77 -15.04
N GLU B 53 -24.84 9.00 -15.01
CA GLU B 53 -25.93 9.38 -15.90
C GLU B 53 -25.41 9.85 -17.27
N ARG B 54 -24.26 10.50 -17.28
CA ARG B 54 -23.68 11.04 -18.51
C ARG B 54 -23.34 9.96 -19.51
N GLN B 55 -23.55 10.26 -20.79
CA GLN B 55 -23.16 9.37 -21.87
C GLN B 55 -22.53 10.17 -23.02
N LEU B 56 -21.23 10.01 -23.21
CA LEU B 56 -20.52 10.71 -24.28
C LEU B 56 -20.25 9.80 -25.47
N SER B 57 -20.65 10.25 -26.66
CA SER B 57 -20.28 9.57 -27.88
C SER B 57 -18.87 10.01 -28.29
N TYR B 58 -18.29 9.30 -29.26
CA TYR B 58 -16.99 9.68 -29.78
C TYR B 58 -16.90 11.13 -30.27
N ILE B 59 -17.89 11.57 -31.04
CA ILE B 59 -17.87 12.93 -31.57
C ILE B 59 -17.98 13.99 -30.47
N GLU B 60 -18.79 13.71 -29.45
CA GLU B 60 -18.90 14.60 -28.28
C GLU B 60 -17.57 14.69 -27.54
N LEU B 61 -17.00 13.53 -27.23
CA LEU B 61 -15.71 13.46 -26.55
C LEU B 61 -14.69 14.28 -27.35
N ASP B 62 -14.73 14.13 -28.67
CA ASP B 62 -13.83 14.86 -29.56
C ASP B 62 -14.05 16.37 -29.47
N ARG B 63 -15.31 16.77 -29.57
CA ARG B 63 -15.68 18.18 -29.57
C ARG B 63 -15.33 18.86 -28.24
N LEU B 64 -15.65 18.17 -27.14
CA LEU B 64 -15.40 18.68 -25.81
C LEU B 64 -13.92 18.84 -25.46
N SER B 65 -13.09 17.87 -25.83
CA SER B 65 -11.65 18.01 -25.65
C SER B 65 -11.06 19.08 -26.59
N THR B 66 -11.55 19.16 -27.82
CA THR B 66 -11.15 20.28 -28.69
C THR B 66 -11.48 21.60 -27.98
N ASN B 67 -12.70 21.73 -27.49
CA ASN B 67 -13.12 22.97 -26.82
C ASN B 67 -12.10 23.40 -25.80
N LEU B 68 -11.75 22.48 -24.90
CA LEU B 68 -10.79 22.78 -23.84
C LEU B 68 -9.42 23.12 -24.41
N ALA B 69 -8.95 22.34 -25.38
CA ALA B 69 -7.69 22.64 -26.03
C ALA B 69 -7.65 24.07 -26.58
N THR B 70 -8.73 24.49 -27.25
CA THR B 70 -8.73 25.86 -27.81
C THR B 70 -8.55 26.92 -26.71
N ARG B 71 -9.16 26.71 -25.54
CA ARG B 71 -9.04 27.71 -24.47
C ARG B 71 -7.65 27.74 -23.86
N LEU B 72 -7.00 26.58 -23.78
CA LEU B 72 -5.64 26.54 -23.27
C LEU B 72 -4.67 27.21 -24.21
N ALA B 73 -4.84 26.95 -25.50
CA ALA B 73 -4.05 27.60 -26.54
C ALA B 73 -4.23 29.11 -26.46
N GLU B 74 -5.49 29.54 -26.37
CA GLU B 74 -5.81 30.97 -26.25
C GLU B 74 -5.01 31.63 -25.13
N LYS B 75 -4.81 30.88 -24.04
CA LYS B 75 -4.08 31.40 -22.87
C LYS B 75 -2.56 31.25 -22.94
N GLY B 76 -2.05 30.79 -24.07
CA GLY B 76 -0.62 30.67 -24.26
C GLY B 76 0.01 29.39 -23.73
N LEU B 77 -0.78 28.36 -23.50
CA LEU B 77 -0.23 27.07 -23.05
C LEU B 77 -0.13 26.09 -24.21
N GLY B 78 1.08 25.60 -24.46
CA GLY B 78 1.32 24.70 -25.58
C GLY B 78 2.61 23.95 -25.43
N LYS B 79 3.31 23.75 -26.55
CA LYS B 79 4.56 22.99 -26.55
C LYS B 79 5.53 23.58 -25.56
N GLY B 80 6.22 22.70 -24.84
CA GLY B 80 7.18 23.12 -23.84
C GLY B 80 6.55 23.33 -22.47
N ASP B 81 5.22 23.48 -22.43
CA ASP B 81 4.51 23.60 -21.14
C ASP B 81 4.05 22.25 -20.54
N THR B 82 3.79 22.24 -19.24
CA THR B 82 3.29 21.05 -18.58
C THR B 82 2.03 21.35 -17.75
N ALA B 83 1.29 20.29 -17.43
CA ALA B 83 0.08 20.40 -16.63
C ALA B 83 0.04 19.26 -15.61
N LEU B 84 -0.46 19.57 -14.42
CA LEU B 84 -0.73 18.56 -13.40
C LEU B 84 -2.24 18.37 -13.28
N VAL B 85 -2.71 17.15 -13.49
CA VAL B 85 -4.14 16.89 -13.42
C VAL B 85 -4.42 15.89 -12.30
N GLN B 86 -5.42 16.19 -11.46
CA GLN B 86 -5.84 15.25 -10.43
C GLN B 86 -7.37 15.15 -10.40
N LEU B 87 -7.89 14.10 -11.03
CA LEU B 87 -9.33 13.96 -11.20
C LEU B 87 -9.79 12.56 -10.84
N PRO B 88 -10.99 12.44 -10.26
CA PRO B 88 -11.57 11.15 -9.91
C PRO B 88 -11.90 10.33 -11.16
N ASN B 89 -12.54 9.17 -10.98
CA ASN B 89 -12.92 8.34 -12.11
C ASN B 89 -14.18 8.84 -12.79
N VAL B 90 -14.04 9.93 -13.53
CA VAL B 90 -15.17 10.57 -14.18
C VAL B 90 -14.85 10.88 -15.64
N ALA B 91 -15.89 10.99 -16.47
CA ALA B 91 -15.73 11.34 -17.89
C ALA B 91 -14.72 12.47 -18.11
N GLU B 92 -14.78 13.51 -17.29
CA GLU B 92 -13.88 14.65 -17.45
C GLU B 92 -12.40 14.25 -17.44
N PHE B 93 -12.05 13.11 -16.87
CA PHE B 93 -10.65 12.71 -16.90
C PHE B 93 -10.14 12.54 -18.33
N TYR B 94 -10.94 11.88 -19.17
CA TYR B 94 -10.57 11.62 -20.56
C TYR B 94 -10.69 12.86 -21.45
N ILE B 95 -11.71 13.68 -21.18
CA ILE B 95 -11.85 14.95 -21.89
C ILE B 95 -10.59 15.78 -21.70
N VAL B 96 -10.13 15.89 -20.46
CA VAL B 96 -8.92 16.64 -20.16
C VAL B 96 -7.67 15.99 -20.76
N PHE B 97 -7.51 14.67 -20.58
CA PHE B 97 -6.36 13.98 -21.17
C PHE B 97 -6.24 14.27 -22.68
N PHE B 98 -7.33 14.03 -23.41
CA PHE B 98 -7.29 14.31 -24.84
C PHE B 98 -7.12 15.79 -25.19
N ALA B 99 -7.73 16.69 -24.40
CA ALA B 99 -7.52 18.12 -24.63
C ALA B 99 -6.03 18.49 -24.53
N LEU B 100 -5.36 17.98 -23.50
CA LEU B 100 -3.96 18.30 -23.28
C LEU B 100 -3.05 17.69 -24.36
N LEU B 101 -3.37 16.46 -24.76
CA LEU B 101 -2.70 15.83 -25.90
C LEU B 101 -2.90 16.65 -27.18
N LYS B 102 -4.11 17.16 -27.40
CA LYS B 102 -4.38 17.97 -28.59
C LYS B 102 -3.59 19.28 -28.57
N ALA B 103 -3.55 19.91 -27.40
CA ALA B 103 -2.89 21.21 -27.25
C ALA B 103 -1.35 21.13 -27.22
N GLY B 104 -0.82 19.92 -27.08
CA GLY B 104 0.64 19.76 -27.03
C GLY B 104 1.20 20.10 -25.65
N VAL B 105 0.36 19.95 -24.63
CA VAL B 105 0.80 20.18 -23.25
C VAL B 105 1.12 18.84 -22.59
N VAL B 106 2.34 18.70 -22.07
CA VAL B 106 2.74 17.43 -21.48
C VAL B 106 2.13 17.29 -20.09
N VAL B 107 1.22 16.32 -19.93
CA VAL B 107 0.47 16.22 -18.69
C VAL B 107 0.98 15.11 -17.76
N LEU B 108 0.96 15.38 -16.46
CA LEU B 108 1.16 14.36 -15.44
C LEU B 108 -0.17 14.19 -14.73
N ASN B 109 -0.71 12.97 -14.78
CA ASN B 109 -1.94 12.64 -14.09
C ASN B 109 -1.59 12.08 -12.72
N ALA B 110 -1.86 12.82 -11.66
CA ALA B 110 -1.68 12.29 -10.32
C ALA B 110 -2.84 11.36 -10.01
N LEU B 111 -2.64 10.41 -9.11
CA LEU B 111 -3.76 9.61 -8.65
C LEU B 111 -4.63 10.48 -7.74
N TYR B 112 -5.93 10.27 -7.79
CA TYR B 112 -6.84 11.03 -6.96
C TYR B 112 -6.49 10.80 -5.48
N SER B 113 -5.94 9.63 -5.18
CA SER B 113 -5.53 9.27 -3.82
C SER B 113 -4.21 9.92 -3.38
N HIS B 114 -3.52 10.58 -4.29
CA HIS B 114 -2.31 11.31 -3.91
C HIS B 114 -2.67 12.50 -3.04
N ARG B 115 -1.71 12.97 -2.24
CA ARG B 115 -1.97 14.05 -1.30
C ARG B 115 -0.98 15.17 -1.52
N GLN B 116 -1.01 16.20 -0.68
CA GLN B 116 -0.16 17.37 -0.87
C GLN B 116 1.30 17.00 -1.05
N TYR B 117 1.77 16.02 -0.29
CA TYR B 117 3.17 15.62 -0.37
C TYR B 117 3.58 15.24 -1.79
N GLU B 118 2.76 14.43 -2.45
CA GLU B 118 3.04 14.01 -3.83
C GLU B 118 2.89 15.17 -4.82
N LEU B 119 1.77 15.88 -4.71
CA LEU B 119 1.50 17.00 -5.58
C LEU B 119 2.65 18.00 -5.53
N ASN B 120 3.08 18.40 -4.33
CA ASN B 120 4.24 19.28 -4.23
C ASN B 120 5.46 18.73 -4.96
N ALA B 121 5.74 17.44 -4.78
CA ALA B 121 6.86 16.82 -5.47
C ALA B 121 6.73 16.91 -7.01
N PHE B 122 5.54 16.66 -7.53
CA PHE B 122 5.34 16.69 -8.96
C PHE B 122 5.52 18.13 -9.45
N ILE B 123 4.88 19.06 -8.76
CA ILE B 123 4.97 20.47 -9.12
C ILE B 123 6.41 20.97 -9.17
N LYS B 124 7.22 20.65 -8.16
CA LYS B 124 8.64 20.99 -8.22
C LYS B 124 9.32 20.46 -9.47
N GLN B 125 9.02 19.23 -9.85
CA GLN B 125 9.71 18.59 -10.97
C GLN B 125 9.32 19.13 -12.35
N ILE B 126 8.02 19.35 -12.58
CA ILE B 126 7.56 19.73 -13.92
C ILE B 126 7.11 21.20 -14.05
N GLN B 127 6.99 21.89 -12.92
CA GLN B 127 6.55 23.30 -12.88
C GLN B 127 5.40 23.55 -13.85
N PRO B 128 4.24 22.99 -13.55
CA PRO B 128 3.10 23.07 -14.47
C PRO B 128 2.52 24.47 -14.51
N LYS B 129 2.12 24.91 -15.70
CA LYS B 129 1.44 26.19 -15.89
C LYS B 129 -0.06 26.00 -15.77
N LEU B 130 -0.49 24.74 -15.75
CA LEU B 130 -1.89 24.41 -15.63
C LEU B 130 -2.08 23.42 -14.50
N LEU B 131 -3.02 23.70 -13.61
CA LEU B 131 -3.38 22.74 -12.56
C LEU B 131 -4.87 22.47 -12.67
N ILE B 132 -5.24 21.20 -12.75
CA ILE B 132 -6.65 20.82 -12.76
C ILE B 132 -6.91 19.86 -11.61
N GLY B 133 -7.83 20.24 -10.72
CA GLY B 133 -8.17 19.45 -9.56
C GLY B 133 -9.67 19.42 -9.30
N SER B 134 -10.06 18.91 -8.13
CA SER B 134 -11.47 18.87 -7.73
C SER B 134 -11.69 19.39 -6.32
N ARG B 135 -12.70 20.23 -6.17
CA ARG B 135 -13.00 20.86 -4.89
C ARG B 135 -13.37 19.85 -3.81
N GLN B 136 -13.84 18.69 -4.21
CA GLN B 136 -14.18 17.62 -3.31
C GLN B 136 -12.96 16.86 -2.76
N HIS B 137 -11.78 17.15 -3.31
CA HIS B 137 -10.56 16.50 -2.85
C HIS B 137 -10.03 17.28 -1.64
N GLU B 138 -9.58 16.53 -0.62
CA GLU B 138 -9.12 17.13 0.63
C GLU B 138 -8.14 18.26 0.37
N VAL B 139 -7.17 18.03 -0.50
CA VAL B 139 -6.15 19.03 -0.75
C VAL B 139 -6.74 20.34 -1.28
N PHE B 140 -7.94 20.26 -1.85
CA PHE B 140 -8.58 21.45 -2.41
C PHE B 140 -9.87 21.78 -1.65
N SER B 141 -10.00 21.23 -0.44
CA SER B 141 -11.10 21.57 0.45
C SER B 141 -11.03 23.04 0.81
N ASN B 142 -9.82 23.58 0.80
CA ASN B 142 -9.59 25.00 0.98
C ASN B 142 -8.47 25.43 0.05
N ASN B 143 -7.84 26.56 0.34
CA ASN B 143 -6.84 27.13 -0.57
C ASN B 143 -5.45 27.18 0.00
N GLN B 144 -5.24 26.54 1.15
CA GLN B 144 -3.93 26.55 1.78
C GLN B 144 -2.85 26.05 0.83
N PHE B 145 -3.07 24.89 0.23
CA PHE B 145 -2.10 24.30 -0.70
C PHE B 145 -1.83 25.20 -1.90
N ILE B 146 -2.90 25.58 -2.61
CA ILE B 146 -2.77 26.49 -3.74
C ILE B 146 -1.99 27.73 -3.33
N ASP B 147 -2.37 28.33 -2.20
CA ASP B 147 -1.72 29.55 -1.71
C ASP B 147 -0.24 29.37 -1.39
N SER B 148 0.12 28.19 -0.89
CA SER B 148 1.51 27.92 -0.52
C SER B 148 2.42 27.88 -1.74
N LEU B 149 1.86 27.58 -2.90
CA LEU B 149 2.65 27.49 -4.14
C LEU B 149 3.20 28.84 -4.53
N HIS B 150 2.46 29.89 -4.19
CA HIS B 150 2.90 31.24 -4.49
C HIS B 150 4.17 31.58 -3.73
N ASP B 151 4.18 31.21 -2.46
CA ASP B 151 5.34 31.45 -1.59
C ASP B 151 6.62 30.85 -2.18
N VAL B 152 6.48 29.80 -2.98
CA VAL B 152 7.65 29.13 -3.56
C VAL B 152 7.79 29.39 -5.06
N ASN B 153 7.02 30.33 -5.59
CA ASN B 153 7.14 30.71 -7.01
C ASN B 153 6.80 29.57 -7.96
N LEU B 154 5.79 28.79 -7.61
CA LEU B 154 5.40 27.65 -8.42
C LEU B 154 3.91 27.66 -8.72
N SER B 155 3.28 28.83 -8.60
CA SER B 155 1.88 28.95 -8.96
C SER B 155 1.65 28.61 -10.43
N PRO B 156 0.65 27.76 -10.71
CA PRO B 156 0.24 27.59 -12.11
C PRO B 156 -0.26 28.94 -12.60
N GLU B 157 -0.39 29.10 -13.91
CA GLU B 157 -0.99 30.32 -14.44
C GLU B 157 -2.49 30.15 -14.40
N ILE B 158 -2.93 28.91 -14.64
CA ILE B 158 -4.34 28.59 -14.71
C ILE B 158 -4.68 27.41 -13.80
N ILE B 159 -5.74 27.57 -13.01
CA ILE B 159 -6.28 26.50 -12.20
C ILE B 159 -7.76 26.29 -12.55
N LEU B 160 -8.12 25.08 -12.93
CA LEU B 160 -9.53 24.75 -13.20
C LEU B 160 -10.00 23.73 -12.17
N MET B 161 -11.25 23.85 -11.73
CA MET B 161 -11.73 22.95 -10.68
C MET B 161 -13.00 22.22 -11.07
N LEU B 162 -12.97 20.90 -10.96
CA LEU B 162 -14.20 20.13 -11.02
C LEU B 162 -14.94 20.53 -9.74
N ASN B 163 -16.27 20.43 -9.75
CA ASN B 163 -17.05 20.90 -8.60
C ASN B 163 -16.60 22.28 -8.14
N HIS B 164 -16.38 23.16 -9.11
CA HIS B 164 -15.98 24.53 -8.83
C HIS B 164 -16.92 25.17 -7.78
N GLN B 165 -16.32 25.95 -6.88
CA GLN B 165 -17.08 26.73 -5.92
C GLN B 165 -16.90 28.18 -6.29
N ALA B 166 -17.52 29.08 -5.52
CA ALA B 166 -17.38 30.52 -5.74
C ALA B 166 -15.96 30.93 -6.09
N THR B 167 -15.82 31.72 -7.16
CA THR B 167 -14.53 32.23 -7.65
C THR B 167 -13.55 31.19 -8.20
N ASP B 168 -14.02 29.96 -8.44
CA ASP B 168 -13.21 29.03 -9.25
C ASP B 168 -13.52 29.17 -10.74
N PHE B 169 -12.50 28.97 -11.57
CA PHE B 169 -12.75 28.63 -12.96
C PHE B 169 -13.37 27.25 -12.97
N GLY B 170 -14.54 27.10 -13.59
CA GLY B 170 -15.19 25.81 -13.64
C GLY B 170 -14.59 24.94 -14.73
N LEU B 171 -14.10 23.76 -14.36
CA LEU B 171 -13.56 22.85 -15.35
C LEU B 171 -14.58 22.56 -16.43
N LEU B 172 -15.81 22.24 -16.03
CA LEU B 172 -16.84 21.94 -17.01
C LEU B 172 -17.13 23.16 -17.87
N ASP B 173 -16.86 24.33 -17.31
CA ASP B 173 -17.10 25.58 -18.02
C ASP B 173 -16.14 25.70 -19.20
N TRP B 174 -14.87 25.39 -18.98
CA TRP B 174 -13.87 25.48 -20.05
C TRP B 174 -13.98 24.34 -21.06
N ILE B 175 -14.78 23.33 -20.74
CA ILE B 175 -15.03 22.19 -21.62
C ILE B 175 -16.26 22.41 -22.49
N GLU B 176 -17.23 23.15 -21.96
CA GLU B 176 -18.55 23.31 -22.56
C GLU B 176 -18.51 23.98 -23.92
N THR B 177 -17.72 25.04 -24.02
CA THR B 177 -17.63 25.78 -25.26
C THR B 177 -16.17 26.04 -25.60
N PRO B 178 -15.88 26.24 -26.91
CA PRO B 178 -14.55 26.56 -27.43
C PRO B 178 -14.20 28.01 -27.17
N ALA B 179 -12.92 28.36 -27.32
CA ALA B 179 -12.45 29.71 -27.09
C ALA B 179 -12.95 30.67 -28.18
N GLU B 180 -13.06 31.95 -27.84
CA GLU B 180 -13.50 32.96 -28.79
C GLU B 180 -12.49 33.13 -29.93
N THR B 181 -11.29 33.59 -29.58
CA THR B 181 -10.24 33.80 -30.57
C THR B 181 -9.54 32.48 -30.90
N PHE B 182 -9.30 32.25 -32.19
CA PHE B 182 -8.57 31.06 -32.61
C PHE B 182 -7.08 31.26 -32.47
N VAL B 183 -6.44 30.34 -31.76
CA VAL B 183 -4.98 30.24 -31.75
C VAL B 183 -4.61 28.85 -32.24
N ASP B 184 -3.47 28.73 -32.89
CA ASP B 184 -3.05 27.45 -33.45
C ASP B 184 -2.40 26.57 -32.39
N PHE B 185 -2.65 25.27 -32.48
CA PHE B 185 -2.04 24.32 -31.59
C PHE B 185 -2.00 22.96 -32.28
N SER B 186 -1.13 22.08 -31.78
CA SER B 186 -1.03 20.71 -32.26
C SER B 186 -0.35 19.88 -31.19
N SER B 187 -0.43 18.55 -31.32
CA SER B 187 0.20 17.65 -30.37
C SER B 187 1.72 17.81 -30.42
N THR B 188 2.41 17.40 -29.36
CA THR B 188 3.85 17.27 -29.43
C THR B 188 4.13 16.21 -30.50
N PRO B 189 5.32 16.24 -31.12
CA PRO B 189 5.61 15.25 -32.18
C PRO B 189 5.55 13.82 -31.68
N ALA B 190 5.24 12.90 -32.58
CA ALA B 190 4.97 11.52 -32.21
C ALA B 190 6.14 10.84 -31.50
N ASP B 191 7.38 11.24 -31.81
CA ASP B 191 8.52 10.64 -31.13
C ASP B 191 9.07 11.55 -30.06
N GLU B 192 8.22 12.45 -29.58
CA GLU B 192 8.55 13.26 -28.42
C GLU B 192 7.59 12.92 -27.25
N VAL B 193 7.82 13.51 -26.08
CA VAL B 193 6.99 13.19 -24.91
C VAL B 193 5.54 13.62 -25.07
N ALA B 194 4.61 12.71 -24.80
CA ALA B 194 3.18 13.02 -24.80
C ALA B 194 2.69 13.33 -23.38
N PHE B 195 3.07 12.47 -22.43
CA PHE B 195 2.73 12.68 -21.02
C PHE B 195 3.65 11.88 -20.10
N PHE B 196 3.54 12.10 -18.78
CA PHE B 196 4.33 11.32 -17.83
C PHE B 196 3.45 10.24 -17.21
N GLN B 197 3.90 9.00 -17.32
CA GLN B 197 3.38 7.97 -16.43
C GLN B 197 4.10 8.10 -15.07
N LEU B 198 3.67 7.34 -14.08
CA LEU B 198 4.33 7.31 -12.77
C LEU B 198 4.68 5.87 -12.38
N SER B 199 5.87 5.66 -11.80
CA SER B 199 6.28 4.33 -11.37
C SER B 199 5.43 3.83 -10.19
N GLY B 200 5.39 2.52 -10.02
CA GLY B 200 4.73 1.88 -8.88
C GLY B 200 5.76 1.26 -7.94
N GLY B 201 5.38 1.10 -6.67
CA GLY B 201 6.27 0.55 -5.66
C GLY B 201 7.21 1.60 -5.07
N SER B 202 8.26 1.94 -5.84
CA SER B 202 9.15 3.09 -5.62
C SER B 202 9.27 3.65 -4.18
N THR B 203 10.51 3.76 -3.70
CA THR B 203 10.75 4.38 -2.39
C THR B 203 10.80 5.89 -2.58
N GLY B 204 9.90 6.58 -1.88
CA GLY B 204 9.69 8.01 -2.10
C GLY B 204 8.48 8.26 -2.98
N THR B 205 8.38 9.48 -3.50
CA THR B 205 7.30 9.81 -4.40
C THR B 205 7.49 9.04 -5.71
N PRO B 206 6.39 8.73 -6.41
CA PRO B 206 6.47 8.01 -7.70
C PRO B 206 7.37 8.74 -8.70
N LYS B 207 8.26 8.02 -9.36
CA LYS B 207 9.15 8.64 -10.35
C LYS B 207 8.45 8.86 -11.69
N LEU B 208 8.87 9.89 -12.43
CA LEU B 208 8.18 10.26 -13.66
C LEU B 208 8.72 9.51 -14.88
N ILE B 209 7.80 8.93 -15.65
CA ILE B 209 8.18 8.10 -16.79
C ILE B 209 7.69 8.75 -18.08
N PRO B 210 8.61 9.37 -18.85
CA PRO B 210 8.20 9.94 -20.14
C PRO B 210 7.65 8.87 -21.09
N ARG B 211 6.49 9.11 -21.65
CA ARG B 211 5.94 8.22 -22.65
C ARG B 211 5.70 9.05 -23.91
N THR B 212 6.17 8.56 -25.05
CA THR B 212 5.94 9.23 -26.32
C THR B 212 4.62 8.78 -26.94
N HIS B 213 4.14 9.52 -27.94
CA HIS B 213 2.93 9.11 -28.65
C HIS B 213 3.15 7.75 -29.33
N ASN B 214 4.28 7.60 -30.01
CA ASN B 214 4.60 6.37 -30.71
C ASN B 214 4.54 5.15 -29.81
N ASP B 215 5.26 5.23 -28.69
CA ASP B 215 5.40 4.05 -27.85
C ASP B 215 4.09 3.71 -27.13
N TYR B 216 3.40 4.73 -26.63
CA TYR B 216 2.16 4.48 -25.90
C TYR B 216 1.06 3.99 -26.84
N ASP B 217 0.90 4.69 -27.98
CA ASP B 217 -0.10 4.28 -28.97
C ASP B 217 0.12 2.85 -29.45
N TYR B 218 1.38 2.50 -29.72
CA TYR B 218 1.68 1.10 -30.02
C TYR B 218 1.20 0.10 -28.97
N SER B 219 1.56 0.32 -27.70
CA SER B 219 1.18 -0.62 -26.67
C SER B 219 -0.34 -0.74 -26.59
N VAL B 220 -1.02 0.40 -26.81
CA VAL B 220 -2.47 0.43 -26.81
C VAL B 220 -3.08 -0.37 -27.95
N ARG B 221 -2.61 -0.12 -29.18
CA ARG B 221 -3.20 -0.78 -30.34
C ARG B 221 -2.99 -2.28 -30.27
N ALA B 222 -1.76 -2.67 -29.93
CA ALA B 222 -1.41 -4.08 -29.86
C ALA B 222 -2.11 -4.78 -28.68
N SER B 223 -2.22 -4.10 -27.55
CA SER B 223 -2.94 -4.67 -26.41
C SER B 223 -4.41 -4.90 -26.77
N ALA B 224 -5.02 -3.94 -27.47
CA ALA B 224 -6.42 -4.09 -27.86
C ALA B 224 -6.63 -5.35 -28.68
N GLU B 225 -5.65 -5.65 -29.52
CA GLU B 225 -5.76 -6.78 -30.43
C GLU B 225 -5.62 -8.08 -29.66
N ILE B 226 -4.65 -8.11 -28.75
CA ILE B 226 -4.43 -9.27 -27.90
C ILE B 226 -5.65 -9.62 -27.03
N CYS B 227 -6.38 -8.61 -26.58
CA CYS B 227 -7.52 -8.83 -25.69
C CYS B 227 -8.84 -8.98 -26.43
N GLY B 228 -8.77 -9.04 -27.76
CA GLY B 228 -9.96 -9.22 -28.58
C GLY B 228 -10.98 -8.11 -28.44
N LEU B 229 -10.53 -6.88 -28.21
CA LEU B 229 -11.47 -5.76 -28.05
C LEU B 229 -12.16 -5.47 -29.38
N ASN B 230 -13.37 -4.94 -29.32
CA ASN B 230 -14.11 -4.58 -30.51
C ASN B 230 -15.17 -3.55 -30.15
N SER B 231 -16.00 -3.17 -31.12
CA SER B 231 -16.96 -2.09 -30.90
C SER B 231 -18.04 -2.45 -29.89
N ASN B 232 -18.17 -3.73 -29.56
CA ASN B 232 -19.14 -4.17 -28.55
C ASN B 232 -18.53 -4.24 -27.14
N THR B 233 -17.24 -3.97 -27.02
CA THR B 233 -16.60 -3.98 -25.71
C THR B 233 -17.11 -2.82 -24.85
N ARG B 234 -17.50 -3.17 -23.63
CA ARG B 234 -17.86 -2.21 -22.60
C ARG B 234 -17.01 -2.54 -21.39
N LEU B 235 -16.03 -1.68 -21.12
CA LEU B 235 -15.00 -1.98 -20.13
C LEU B 235 -15.21 -1.16 -18.88
N LEU B 236 -15.29 -1.84 -17.75
CA LEU B 236 -15.43 -1.20 -16.45
C LEU B 236 -14.11 -0.57 -16.03
N CYS B 237 -14.14 0.73 -15.79
CA CYS B 237 -12.98 1.45 -15.28
CA CYS B 237 -12.97 1.42 -15.28
C CYS B 237 -13.12 1.68 -13.78
N ALA B 238 -12.78 0.65 -12.98
CA ALA B 238 -12.91 0.70 -11.53
C ALA B 238 -11.60 0.97 -10.80
N LEU B 239 -10.49 0.66 -11.46
CA LEU B 239 -9.17 1.00 -10.94
C LEU B 239 -8.97 2.47 -11.23
N PRO B 240 -7.98 3.11 -10.60
CA PRO B 240 -7.73 4.53 -10.92
C PRO B 240 -7.49 4.77 -12.44
N ALA B 241 -8.27 5.65 -13.05
CA ALA B 241 -8.15 5.95 -14.48
C ALA B 241 -6.72 6.27 -15.00
N PRO B 242 -5.89 6.97 -14.21
CA PRO B 242 -4.53 7.26 -14.67
C PRO B 242 -3.59 6.06 -14.66
N HIS B 243 -3.91 5.00 -13.91
CA HIS B 243 -2.94 3.92 -13.76
C HIS B 243 -2.68 3.24 -15.10
N ASN B 244 -1.41 2.91 -15.34
CA ASN B 244 -1.02 2.33 -16.64
C ASN B 244 -1.87 1.11 -17.00
N PHE B 245 -2.21 0.30 -16.00
CA PHE B 245 -3.06 -0.88 -16.19
C PHE B 245 -4.42 -0.47 -16.75
N MET B 246 -5.06 0.47 -16.06
CA MET B 246 -6.42 0.89 -16.38
C MET B 246 -6.49 1.83 -17.59
N LEU B 247 -5.37 2.48 -17.91
CA LEU B 247 -5.34 3.41 -19.05
C LEU B 247 -4.98 2.73 -20.37
N SER B 248 -4.07 1.78 -20.35
CA SER B 248 -3.47 1.31 -21.60
C SER B 248 -3.35 -0.20 -21.77
N SER B 249 -3.73 -0.99 -20.77
CA SER B 249 -3.41 -2.42 -20.87
C SER B 249 -4.58 -3.41 -20.70
N PRO B 250 -5.57 -3.38 -21.60
CA PRO B 250 -5.69 -2.49 -22.76
C PRO B 250 -6.30 -1.15 -22.34
N GLY B 251 -6.99 -1.16 -21.21
CA GLY B 251 -7.46 0.07 -20.57
C GLY B 251 -8.46 0.86 -21.39
N ALA B 252 -8.77 2.06 -20.91
CA ALA B 252 -9.69 2.94 -21.60
C ALA B 252 -9.23 3.25 -23.03
N LEU B 253 -7.92 3.47 -23.23
CA LEU B 253 -7.42 3.82 -24.56
C LEU B 253 -7.57 2.67 -25.55
N GLY B 254 -7.33 1.45 -25.10
CA GLY B 254 -7.52 0.29 -25.95
C GLY B 254 -8.97 0.14 -26.38
N VAL B 255 -9.88 0.30 -25.43
CA VAL B 255 -11.31 0.21 -25.75
C VAL B 255 -11.71 1.30 -26.76
N LEU B 256 -11.21 2.52 -26.55
CA LEU B 256 -11.52 3.62 -27.47
C LEU B 256 -10.92 3.33 -28.84
N HIS B 257 -9.73 2.75 -28.86
CA HIS B 257 -9.05 2.37 -30.11
C HIS B 257 -9.91 1.37 -30.88
N ALA B 258 -10.61 0.51 -30.13
CA ALA B 258 -11.41 -0.54 -30.71
C ALA B 258 -12.84 -0.09 -30.99
N GLY B 259 -13.14 1.16 -30.65
CA GLY B 259 -14.46 1.71 -30.86
C GLY B 259 -15.49 1.26 -29.83
N GLY B 260 -15.01 0.73 -28.71
CA GLY B 260 -15.89 0.31 -27.64
C GLY B 260 -16.25 1.44 -26.68
N CYS B 261 -16.71 1.08 -25.49
CA CYS B 261 -17.16 2.07 -24.53
C CYS B 261 -16.58 1.83 -23.14
N VAL B 262 -16.21 2.92 -22.48
CA VAL B 262 -15.67 2.91 -21.13
C VAL B 262 -16.79 3.20 -20.13
N VAL B 263 -16.88 2.39 -19.07
CA VAL B 263 -17.92 2.59 -18.05
C VAL B 263 -17.24 2.87 -16.72
N MET B 264 -17.41 4.08 -16.20
CA MET B 264 -16.70 4.53 -15.01
C MET B 264 -17.33 4.01 -13.72
N ALA B 265 -16.49 3.53 -12.80
CA ALA B 265 -16.90 3.31 -11.42
C ALA B 265 -15.91 4.06 -10.54
N PRO B 266 -16.33 4.42 -9.33
CA PRO B 266 -15.47 5.19 -8.44
C PRO B 266 -14.29 4.35 -7.89
N ASN B 267 -14.53 3.07 -7.65
CA ASN B 267 -13.53 2.14 -7.12
C ASN B 267 -14.06 0.73 -7.32
N PRO B 268 -13.30 -0.31 -6.91
CA PRO B 268 -13.73 -1.68 -7.22
C PRO B 268 -14.60 -2.37 -6.14
N GLU B 269 -15.08 -1.62 -5.15
CA GLU B 269 -15.96 -2.21 -4.16
C GLU B 269 -17.22 -2.76 -4.85
N PRO B 270 -17.54 -4.04 -4.62
CA PRO B 270 -18.68 -4.68 -5.30
C PRO B 270 -19.95 -3.85 -5.13
N LEU B 271 -20.00 -3.06 -4.06
CA LEU B 271 -21.10 -2.13 -3.87
C LEU B 271 -21.39 -1.39 -5.18
N ASN B 272 -20.64 -0.33 -5.45
CA ASN B 272 -20.72 0.33 -6.77
C ASN B 272 -20.71 -0.68 -7.93
N CYS B 273 -19.52 -1.21 -8.24
CA CYS B 273 -19.29 -2.06 -9.41
C CYS B 273 -20.46 -2.94 -9.85
N PHE B 274 -20.99 -3.75 -8.93
CA PHE B 274 -21.94 -4.78 -9.32
C PHE B 274 -23.15 -4.19 -10.04
N SER B 275 -23.70 -3.11 -9.52
CA SER B 275 -24.90 -2.52 -10.10
C SER B 275 -24.59 -1.74 -11.38
N ILE B 276 -23.43 -1.09 -11.41
CA ILE B 276 -22.94 -0.46 -12.63
C ILE B 276 -22.79 -1.54 -13.70
N ILE B 277 -22.12 -2.63 -13.38
CA ILE B 277 -21.95 -3.72 -14.33
C ILE B 277 -23.29 -4.16 -14.91
N GLN B 278 -24.29 -4.34 -14.04
CA GLN B 278 -25.62 -4.74 -14.50
C GLN B 278 -26.28 -3.63 -15.30
N ARG B 279 -26.29 -2.41 -14.77
CA ARG B 279 -27.03 -1.33 -15.43
C ARG B 279 -26.60 -1.14 -16.88
N HIS B 280 -25.29 -1.14 -17.12
CA HIS B 280 -24.76 -0.79 -18.44
C HIS B 280 -24.23 -1.99 -19.19
N GLN B 281 -24.46 -3.18 -18.65
CA GLN B 281 -24.09 -4.41 -19.34
C GLN B 281 -22.60 -4.51 -19.70
N VAL B 282 -21.75 -4.20 -18.72
CA VAL B 282 -20.30 -4.33 -18.85
C VAL B 282 -19.90 -5.77 -19.15
N ASN B 283 -19.04 -5.97 -20.15
CA ASN B 283 -18.60 -7.33 -20.49
C ASN B 283 -17.11 -7.56 -20.26
N MET B 284 -16.41 -6.52 -19.81
CA MET B 284 -14.99 -6.64 -19.46
C MET B 284 -14.64 -5.76 -18.26
N ALA B 285 -13.79 -6.27 -17.38
CA ALA B 285 -13.30 -5.44 -16.28
C ALA B 285 -11.85 -5.81 -15.96
N SER B 286 -11.19 -4.96 -15.20
CA SER B 286 -9.79 -5.16 -14.86
C SER B 286 -9.60 -4.91 -13.38
N LEU B 287 -8.91 -5.82 -12.71
CA LEU B 287 -8.80 -5.75 -11.25
C LEU B 287 -7.42 -6.17 -10.75
N VAL B 288 -7.14 -5.80 -9.51
CA VAL B 288 -6.03 -6.35 -8.74
C VAL B 288 -6.58 -7.45 -7.82
N PRO B 289 -5.72 -8.40 -7.41
CA PRO B 289 -6.19 -9.57 -6.64
C PRO B 289 -7.01 -9.21 -5.42
N SER B 290 -6.61 -8.16 -4.70
CA SER B 290 -7.38 -7.75 -3.54
C SER B 290 -8.85 -7.50 -3.91
N ALA B 291 -9.10 -6.84 -5.03
CA ALA B 291 -10.47 -6.56 -5.45
C ALA B 291 -11.19 -7.82 -5.95
N VAL B 292 -10.46 -8.71 -6.62
CA VAL B 292 -11.03 -9.98 -7.06
C VAL B 292 -11.60 -10.75 -5.87
N ILE B 293 -10.84 -10.84 -4.79
CA ILE B 293 -11.29 -11.50 -3.57
C ILE B 293 -12.58 -10.87 -3.07
N MET B 294 -12.63 -9.54 -2.97
CA MET B 294 -13.87 -8.84 -2.64
C MET B 294 -15.05 -9.27 -3.53
N TRP B 295 -14.81 -9.41 -4.82
CA TRP B 295 -15.88 -9.77 -5.74
C TRP B 295 -16.32 -11.22 -5.53
N LEU B 296 -15.35 -12.10 -5.34
CA LEU B 296 -15.63 -13.50 -5.09
C LEU B 296 -16.52 -13.67 -3.84
N GLU B 297 -16.24 -12.88 -2.80
CA GLU B 297 -17.03 -12.91 -1.57
C GLU B 297 -18.51 -12.66 -1.85
N LYS B 298 -18.81 -11.62 -2.61
CA LYS B 298 -20.19 -11.21 -2.85
C LYS B 298 -20.80 -11.87 -4.08
N ALA B 299 -20.01 -12.67 -4.78
CA ALA B 299 -20.43 -13.20 -6.07
C ALA B 299 -21.56 -14.20 -5.91
N ALA B 300 -21.55 -14.94 -4.81
CA ALA B 300 -22.53 -15.99 -4.57
C ALA B 300 -23.95 -15.43 -4.59
N GLN B 301 -24.16 -14.37 -3.82
CA GLN B 301 -25.46 -13.74 -3.72
C GLN B 301 -25.83 -12.85 -4.91
N TYR B 302 -24.84 -12.42 -5.70
CA TYR B 302 -25.11 -11.48 -6.78
C TYR B 302 -24.62 -11.91 -8.16
N LYS B 303 -24.61 -13.21 -8.42
CA LYS B 303 -24.20 -13.74 -9.70
C LYS B 303 -24.88 -12.99 -10.86
N ASP B 304 -26.18 -12.77 -10.71
CA ASP B 304 -26.91 -12.17 -11.81
C ASP B 304 -26.43 -10.79 -12.19
N GLN B 305 -26.04 -10.00 -11.20
CA GLN B 305 -25.62 -8.62 -11.46
C GLN B 305 -24.39 -8.54 -12.36
N ILE B 306 -23.58 -9.59 -12.38
CA ILE B 306 -22.36 -9.58 -13.16
C ILE B 306 -22.36 -10.64 -14.27
N GLN B 307 -23.53 -11.15 -14.63
CA GLN B 307 -23.54 -12.20 -15.63
C GLN B 307 -23.03 -11.72 -16.99
N SER B 308 -23.13 -10.41 -17.25
CA SER B 308 -22.67 -9.88 -18.54
C SER B 308 -21.14 -9.88 -18.75
N LEU B 309 -20.37 -10.00 -17.67
CA LEU B 309 -18.91 -10.05 -17.77
C LEU B 309 -18.51 -11.21 -18.67
N LYS B 310 -17.68 -10.96 -19.68
CA LYS B 310 -17.11 -12.07 -20.46
C LYS B 310 -15.62 -12.25 -20.19
N LEU B 311 -14.94 -11.18 -19.86
CA LEU B 311 -13.50 -11.22 -19.66
C LEU B 311 -13.11 -10.36 -18.48
N LEU B 312 -12.32 -10.95 -17.58
CA LEU B 312 -11.76 -10.24 -16.43
C LEU B 312 -10.25 -10.30 -16.52
N GLN B 313 -9.60 -9.14 -16.54
CA GLN B 313 -8.15 -9.12 -16.40
C GLN B 313 -7.77 -9.00 -14.96
N VAL B 314 -6.71 -9.71 -14.58
CA VAL B 314 -6.19 -9.58 -13.24
C VAL B 314 -4.69 -9.40 -13.29
N GLY B 315 -4.24 -8.34 -12.65
CA GLY B 315 -2.82 -8.10 -12.53
C GLY B 315 -2.50 -7.46 -11.19
N GLY B 316 -1.28 -7.66 -10.72
CA GLY B 316 -0.86 -6.95 -9.54
C GLY B 316 0.03 -7.77 -8.64
N ALA B 317 -0.18 -7.58 -7.34
CA ALA B 317 0.46 -8.33 -6.27
C ALA B 317 0.82 -9.77 -6.63
N SER B 318 0.03 -10.69 -6.08
CA SER B 318 0.25 -12.11 -6.21
C SER B 318 -1.11 -12.71 -6.48
N PHE B 319 -1.17 -13.67 -7.39
CA PHE B 319 -2.45 -14.25 -7.79
C PHE B 319 -2.32 -15.77 -7.88
N PRO B 320 -2.46 -16.46 -6.73
CA PRO B 320 -2.29 -17.91 -6.60
C PRO B 320 -3.20 -18.70 -7.53
N GLU B 321 -2.72 -19.81 -8.06
CA GLU B 321 -3.52 -20.64 -8.96
C GLU B 321 -4.91 -20.92 -8.39
N SER B 322 -4.97 -21.28 -7.10
CA SER B 322 -6.23 -21.67 -6.47
C SER B 322 -7.22 -20.52 -6.50
N LEU B 323 -6.70 -19.30 -6.36
CA LEU B 323 -7.56 -18.12 -6.42
C LEU B 323 -7.99 -17.88 -7.88
N ALA B 324 -7.04 -18.08 -8.80
CA ALA B 324 -7.28 -17.85 -10.22
C ALA B 324 -8.34 -18.77 -10.79
N ARG B 325 -8.36 -20.03 -10.35
CA ARG B 325 -9.29 -21.01 -10.91
C ARG B 325 -10.74 -20.71 -10.52
N GLN B 326 -10.90 -19.85 -9.52
CA GLN B 326 -12.21 -19.45 -9.04
C GLN B 326 -12.89 -18.38 -9.89
N VAL B 327 -12.13 -17.74 -10.77
CA VAL B 327 -12.70 -16.66 -11.57
C VAL B 327 -13.74 -17.15 -12.59
N PRO B 328 -13.36 -18.13 -13.43
CA PRO B 328 -14.35 -18.69 -14.36
C PRO B 328 -15.48 -19.37 -13.58
N GLU B 329 -15.10 -20.08 -12.52
CA GLU B 329 -16.04 -20.84 -11.71
C GLU B 329 -17.09 -19.94 -11.05
N VAL B 330 -16.61 -18.96 -10.30
CA VAL B 330 -17.50 -18.15 -9.47
C VAL B 330 -18.01 -16.90 -10.14
N LEU B 331 -17.12 -16.22 -10.90
CA LEU B 331 -17.48 -14.96 -11.53
C LEU B 331 -18.14 -15.19 -12.89
N ASN B 332 -17.99 -16.41 -13.41
CA ASN B 332 -18.60 -16.77 -14.69
C ASN B 332 -18.09 -15.94 -15.85
N CYS B 333 -16.78 -15.75 -15.91
CA CYS B 333 -16.18 -15.04 -17.03
C CYS B 333 -14.79 -15.59 -17.25
N LYS B 334 -14.23 -15.34 -18.43
CA LYS B 334 -12.89 -15.81 -18.72
C LYS B 334 -11.86 -15.00 -17.95
N LEU B 335 -10.72 -15.61 -17.65
CA LEU B 335 -9.65 -14.91 -16.94
C LEU B 335 -8.52 -14.50 -17.89
N GLN B 336 -7.91 -13.35 -17.61
CA GLN B 336 -6.67 -13.01 -18.28
C GLN B 336 -5.70 -12.45 -17.24
N GLN B 337 -4.52 -13.07 -17.15
CA GLN B 337 -3.51 -12.56 -16.23
C GLN B 337 -2.64 -11.55 -16.95
N VAL B 338 -2.32 -10.47 -16.26
CA VAL B 338 -1.55 -9.38 -16.83
C VAL B 338 -0.43 -9.05 -15.86
N PHE B 339 0.80 -9.05 -16.35
CA PHE B 339 1.91 -8.55 -15.57
C PHE B 339 2.64 -7.46 -16.37
N GLY B 340 2.57 -6.22 -15.88
CA GLY B 340 3.21 -5.12 -16.56
C GLY B 340 3.78 -4.09 -15.61
N MET B 341 4.23 -2.96 -16.18
CA MET B 341 4.82 -1.89 -15.39
C MET B 341 4.60 -0.56 -16.11
N ALA B 342 4.41 0.53 -15.38
CA ALA B 342 4.26 1.82 -16.06
C ALA B 342 5.50 2.18 -16.89
N GLU B 343 6.63 1.56 -16.58
CA GLU B 343 7.89 1.80 -17.30
C GLU B 343 7.87 1.26 -18.73
N GLY B 344 6.98 0.31 -19.01
CA GLY B 344 6.85 -0.23 -20.36
C GLY B 344 6.26 -1.62 -20.45
N LEU B 345 7.13 -2.63 -20.50
CA LEU B 345 6.75 -4.02 -20.72
C LEU B 345 5.44 -4.45 -20.08
N VAL B 346 4.54 -5.00 -20.90
CA VAL B 346 3.33 -5.63 -20.38
C VAL B 346 3.20 -7.04 -20.93
N ASN B 347 2.93 -8.00 -20.05
CA ASN B 347 2.64 -9.39 -20.43
C ASN B 347 1.17 -9.71 -20.22
N TYR B 348 0.61 -10.48 -21.15
CA TYR B 348 -0.77 -10.95 -21.07
C TYR B 348 -0.76 -12.42 -21.32
N THR B 349 -1.56 -13.17 -20.58
CA THR B 349 -1.92 -14.49 -21.05
C THR B 349 -2.81 -14.26 -22.27
N ARG B 350 -2.66 -15.12 -23.28
CA ARG B 350 -3.45 -15.01 -24.50
C ARG B 350 -4.82 -15.65 -24.33
N LEU B 351 -5.80 -15.21 -25.10
CA LEU B 351 -7.16 -15.70 -24.95
C LEU B 351 -7.30 -17.17 -25.31
N ASP B 352 -6.38 -17.69 -26.10
CA ASP B 352 -6.40 -19.10 -26.45
C ASP B 352 -5.23 -19.86 -25.81
N ASP B 353 -4.81 -19.43 -24.63
CA ASP B 353 -3.78 -20.15 -23.87
C ASP B 353 -4.42 -21.36 -23.19
N SER B 354 -3.60 -22.35 -22.84
CA SER B 354 -4.08 -23.51 -22.07
C SER B 354 -4.55 -23.06 -20.70
N ASP B 355 -5.25 -23.96 -20.00
CA ASP B 355 -5.70 -23.68 -18.64
C ASP B 355 -4.53 -23.55 -17.68
N GLU B 356 -3.51 -24.38 -17.86
CA GLU B 356 -2.32 -24.27 -17.02
C GLU B 356 -1.68 -22.89 -17.18
N GLN B 357 -1.53 -22.45 -18.42
CA GLN B 357 -0.96 -21.14 -18.72
C GLN B 357 -1.76 -20.02 -18.07
N ILE B 358 -3.07 -20.06 -18.26
CA ILE B 358 -3.94 -19.00 -17.79
C ILE B 358 -4.07 -18.96 -16.26
N PHE B 359 -3.99 -20.12 -15.62
CA PHE B 359 -4.19 -20.18 -14.17
C PHE B 359 -2.90 -20.12 -13.39
N THR B 360 -1.76 -20.38 -14.04
CA THR B 360 -0.50 -20.44 -13.31
C THR B 360 0.63 -19.56 -13.86
N THR B 361 0.36 -18.79 -14.92
CA THR B 361 1.37 -17.85 -15.44
C THR B 361 0.84 -16.43 -15.55
N GLN B 362 1.75 -15.49 -15.73
CA GLN B 362 1.38 -14.10 -15.97
C GLN B 362 1.60 -13.70 -17.44
N GLY B 363 1.52 -14.68 -18.33
CA GLY B 363 1.51 -14.44 -19.76
C GLY B 363 2.85 -14.17 -20.42
N ARG B 364 2.81 -13.50 -21.58
CA ARG B 364 4.02 -13.20 -22.31
C ARG B 364 3.91 -11.81 -22.95
N PRO B 365 5.05 -11.26 -23.41
CA PRO B 365 5.10 -9.85 -23.83
C PRO B 365 4.19 -9.49 -24.99
N ILE B 366 3.70 -8.24 -24.98
CA ILE B 366 2.97 -7.70 -26.10
C ILE B 366 3.71 -7.95 -27.42
N SER B 367 5.00 -7.67 -27.45
CA SER B 367 5.72 -7.57 -28.72
C SER B 367 6.78 -8.65 -28.92
N SER B 368 6.88 -9.16 -30.14
CA SER B 368 7.96 -10.09 -30.47
C SER B 368 9.30 -9.37 -30.31
N ASP B 369 9.29 -8.05 -30.32
CA ASP B 369 10.52 -7.29 -30.11
C ASP B 369 10.66 -6.77 -28.68
N ASP B 370 9.82 -7.26 -27.77
CA ASP B 370 10.11 -7.11 -26.35
C ASP B 370 11.26 -8.06 -26.06
N GLU B 371 12.38 -7.51 -25.62
CA GLU B 371 13.54 -8.33 -25.35
C GLU B 371 13.67 -8.51 -23.84
N ILE B 372 13.91 -9.75 -23.44
CA ILE B 372 13.93 -10.13 -22.04
C ILE B 372 15.26 -10.81 -21.69
N LYS B 373 15.89 -10.35 -20.61
CA LYS B 373 16.96 -11.11 -19.98
C LYS B 373 16.53 -11.48 -18.56
N ILE B 374 16.65 -12.76 -18.22
CA ILE B 374 16.46 -13.23 -16.86
C ILE B 374 17.83 -13.61 -16.29
N VAL B 375 18.33 -12.83 -15.35
CA VAL B 375 19.73 -12.93 -14.94
C VAL B 375 19.96 -13.19 -13.44
N ASP B 376 21.17 -13.66 -13.13
CA ASP B 376 21.54 -14.02 -11.76
C ASP B 376 22.32 -12.90 -11.08
N GLU B 377 22.88 -13.19 -9.91
CA GLU B 377 23.63 -12.21 -9.12
C GLU B 377 24.77 -11.57 -9.90
N GLN B 378 25.26 -12.29 -10.90
CA GLN B 378 26.39 -11.82 -11.69
C GLN B 378 25.91 -11.29 -13.04
N TYR B 379 24.62 -10.96 -13.10
CA TYR B 379 24.00 -10.45 -14.31
C TYR B 379 24.27 -11.32 -15.53
N ARG B 380 24.39 -12.63 -15.30
CA ARG B 380 24.50 -13.58 -16.39
C ARG B 380 23.16 -14.28 -16.54
N GLU B 381 22.75 -14.54 -17.77
CA GLU B 381 21.45 -15.15 -17.99
C GLU B 381 21.38 -16.55 -17.40
N VAL B 382 20.34 -16.80 -16.60
CA VAL B 382 20.15 -18.08 -15.96
C VAL B 382 19.84 -19.15 -16.99
N PRO B 383 19.98 -20.44 -16.61
CA PRO B 383 19.55 -21.54 -17.48
C PRO B 383 18.04 -21.50 -17.68
N GLU B 384 17.60 -21.79 -18.89
CA GLU B 384 16.19 -21.74 -19.24
C GLU B 384 15.35 -22.38 -18.14
N GLY B 385 14.41 -21.63 -17.60
CA GLY B 385 13.47 -22.16 -16.62
C GLY B 385 13.78 -21.82 -15.18
N GLU B 386 14.98 -21.31 -14.93
CA GLU B 386 15.37 -20.90 -13.58
C GLU B 386 14.89 -19.49 -13.25
N ILE B 387 14.85 -19.18 -11.97
CA ILE B 387 14.42 -17.89 -11.48
C ILE B 387 15.56 -16.89 -11.54
N GLY B 388 15.26 -15.69 -12.03
CA GLY B 388 16.24 -14.61 -12.10
C GLY B 388 15.60 -13.23 -12.13
N MET B 389 16.44 -12.20 -12.13
CA MET B 389 15.96 -10.83 -12.17
C MET B 389 15.58 -10.44 -13.60
N LEU B 390 14.42 -9.84 -13.76
CA LEU B 390 13.93 -9.38 -15.05
C LEU B 390 14.68 -8.14 -15.54
N ALA B 391 15.24 -8.21 -16.74
CA ALA B 391 15.78 -7.04 -17.44
C ALA B 391 15.12 -7.01 -18.81
N THR B 392 14.67 -5.84 -19.24
CA THR B 392 13.92 -5.77 -20.50
C THR B 392 14.07 -4.45 -21.25
N ARG B 393 13.97 -4.51 -22.57
CA ARG B 393 13.85 -3.32 -23.43
C ARG B 393 12.93 -3.69 -24.59
N GLY B 394 12.33 -2.69 -25.22
CA GLY B 394 11.38 -2.94 -26.30
C GLY B 394 10.86 -1.65 -26.90
N PRO B 395 9.86 -1.75 -27.80
CA PRO B 395 9.32 -0.62 -28.55
C PRO B 395 8.45 0.32 -27.72
N TYR B 396 8.12 -0.05 -26.49
CA TYR B 396 7.30 0.81 -25.63
C TYR B 396 7.81 0.83 -24.17
N THR B 397 9.07 0.42 -23.98
CA THR B 397 9.73 0.51 -22.68
C THR B 397 10.68 1.70 -22.68
N PHE B 398 10.56 2.54 -21.64
CA PHE B 398 11.29 3.80 -21.57
C PHE B 398 12.79 3.59 -21.47
N CYS B 399 13.53 4.66 -21.71
CA CYS B 399 14.99 4.61 -21.63
C CYS B 399 15.56 5.40 -20.45
N GLY B 400 14.68 5.86 -19.56
CA GLY B 400 15.11 6.55 -18.35
C GLY B 400 14.02 7.39 -17.74
N TYR B 401 14.08 7.56 -16.42
CA TYR B 401 13.15 8.42 -15.73
C TYR B 401 13.45 9.89 -16.00
N TYR B 402 12.43 10.73 -15.91
CA TYR B 402 12.60 12.15 -16.17
C TYR B 402 13.61 12.77 -15.22
N GLN B 403 14.62 13.41 -15.78
CA GLN B 403 15.61 14.15 -15.00
C GLN B 403 16.15 13.36 -13.83
N SER B 404 16.61 12.13 -14.08
CA SER B 404 17.07 11.27 -13.01
C SER B 404 18.26 10.42 -13.43
N PRO B 405 19.37 11.09 -13.80
CA PRO B 405 20.55 10.44 -14.39
C PRO B 405 21.19 9.44 -13.44
N GLU B 406 21.25 9.75 -12.15
CA GLU B 406 21.90 8.85 -11.22
C GLU B 406 21.08 7.58 -11.01
N HIS B 407 19.79 7.73 -10.75
CA HIS B 407 18.93 6.57 -10.62
C HIS B 407 18.92 5.75 -11.91
N ASN B 408 18.75 6.42 -13.04
CA ASN B 408 18.77 5.75 -14.34
C ASN B 408 19.96 4.82 -14.53
N SER B 409 21.15 5.29 -14.16
CA SER B 409 22.36 4.48 -14.30
C SER B 409 22.38 3.28 -13.37
N GLN B 410 21.53 3.30 -12.34
CA GLN B 410 21.42 2.16 -11.43
C GLN B 410 20.48 1.09 -11.98
N VAL B 411 19.57 1.49 -12.86
CA VAL B 411 18.52 0.57 -13.27
C VAL B 411 18.62 0.14 -14.74
N PHE B 412 19.55 0.75 -15.47
CA PHE B 412 19.81 0.40 -16.87
C PHE B 412 21.24 -0.12 -17.03
N ASP B 413 21.41 -1.21 -17.77
CA ASP B 413 22.75 -1.68 -18.11
C ASP B 413 23.23 -1.00 -19.39
N GLU B 414 24.44 -1.33 -19.83
CA GLU B 414 25.05 -0.66 -20.99
C GLU B 414 24.20 -0.83 -22.24
N ASP B 415 23.60 -2.01 -22.39
CA ASP B 415 22.74 -2.27 -23.55
C ASP B 415 21.34 -1.68 -23.42
N ASN B 416 21.13 -0.85 -22.40
CA ASN B 416 19.86 -0.15 -22.22
C ASN B 416 18.68 -1.04 -21.81
N TYR B 417 18.96 -2.23 -21.30
CA TYR B 417 17.92 -3.02 -20.66
C TYR B 417 17.53 -2.35 -19.35
N TYR B 418 16.23 -2.35 -19.06
CA TYR B 418 15.72 -1.86 -17.78
C TYR B 418 15.54 -3.01 -16.79
N TYR B 419 16.10 -2.86 -15.59
CA TYR B 419 15.97 -3.86 -14.53
C TYR B 419 14.82 -3.51 -13.58
N SER B 420 13.71 -4.22 -13.73
CA SER B 420 12.46 -3.89 -13.02
C SER B 420 12.45 -4.26 -11.55
N GLY B 421 13.39 -5.10 -11.15
CA GLY B 421 13.41 -5.61 -9.78
C GLY B 421 12.45 -6.74 -9.55
N ASP B 422 11.89 -7.30 -10.62
CA ASP B 422 11.03 -8.47 -10.49
C ASP B 422 11.85 -9.75 -10.60
N LEU B 423 11.43 -10.77 -9.85
CA LEU B 423 11.96 -12.11 -10.00
C LEU B 423 10.98 -12.96 -10.81
N VAL B 424 11.46 -13.57 -11.88
CA VAL B 424 10.61 -14.27 -12.83
C VAL B 424 11.32 -15.51 -13.35
N GLN B 425 10.55 -16.40 -13.96
CA GLN B 425 11.12 -17.55 -14.65
C GLN B 425 10.30 -17.79 -15.90
N ARG B 426 10.96 -18.16 -16.99
CA ARG B 426 10.24 -18.52 -18.21
C ARG B 426 9.74 -19.95 -18.08
N THR B 427 8.44 -20.14 -18.26
CA THR B 427 7.84 -21.47 -18.20
C THR B 427 7.98 -22.17 -19.56
N PRO B 428 7.86 -23.51 -19.56
CA PRO B 428 8.06 -24.33 -20.76
C PRO B 428 7.23 -23.85 -21.95
N ASP B 429 6.00 -23.44 -21.67
CA ASP B 429 5.06 -22.99 -22.69
C ASP B 429 5.43 -21.65 -23.37
N GLY B 430 6.45 -20.97 -22.86
CA GLY B 430 6.84 -19.66 -23.40
C GLY B 430 6.41 -18.45 -22.58
N ASN B 431 5.53 -18.66 -21.59
CA ASN B 431 5.09 -17.57 -20.74
C ASN B 431 6.05 -17.24 -19.60
N LEU B 432 5.63 -16.32 -18.74
CA LEU B 432 6.43 -15.89 -17.60
C LEU B 432 5.65 -16.11 -16.32
N ARG B 433 6.35 -16.50 -15.27
CA ARG B 433 5.76 -16.61 -13.96
C ARG B 433 6.51 -15.64 -13.08
N VAL B 434 5.80 -14.67 -12.51
CA VAL B 434 6.42 -13.70 -11.63
C VAL B 434 6.47 -14.32 -10.25
N VAL B 435 7.66 -14.33 -9.67
CA VAL B 435 7.90 -15.20 -8.53
C VAL B 435 8.30 -14.43 -7.26
N GLY B 436 8.75 -13.20 -7.45
CA GLY B 436 9.15 -12.39 -6.32
C GLY B 436 9.68 -11.04 -6.73
N ARG B 437 10.33 -10.37 -5.79
CA ARG B 437 10.84 -9.04 -5.99
C ARG B 437 12.22 -8.95 -5.36
N ILE B 438 13.06 -8.12 -5.95
CA ILE B 438 14.40 -7.92 -5.43
C ILE B 438 14.70 -6.43 -5.45
N LYS B 439 15.55 -5.98 -4.54
CA LYS B 439 15.89 -4.56 -4.45
C LYS B 439 16.88 -4.12 -5.54
N ASP B 440 17.04 -2.81 -5.71
CA ASP B 440 17.97 -2.25 -6.69
C ASP B 440 19.38 -2.19 -6.11
#